data_7JG1
#
_entry.id   7JG1
#
_cell.length_a   1.00
_cell.length_b   1.00
_cell.length_c   1.00
_cell.angle_alpha   90.00
_cell.angle_beta   90.00
_cell.angle_gamma   90.00
#
_symmetry.space_group_name_H-M   'P 1'
#
loop_
_entity.id
_entity.type
_entity.pdbx_description
1 polymer 'Igh protein'
2 polymer 'Immunoglobulin J chain'
3 branched 2-acetamido-2-deoxy-beta-D-glucopyranose-(1-4)-2-acetamido-2-deoxy-beta-D-glucopyranose
4 non-polymer 2-acetamido-2-deoxy-beta-D-glucopyranose
#
loop_
_entity_poly.entity_id
_entity_poly.type
_entity_poly.pdbx_seq_one_letter_code
_entity_poly.pdbx_strand_id
1 'polypeptide(L)'
;WGQGTLVTVSAESARNPTIYPLTLPPALSSDPVIIGCLIHDYFPSGTMNVTWGKSGKDITTVNFPPALASGGRYTMSSQL
TLPAVECPEGESVKCSVQHDSNPVQELDVNCSGPTPPPPITIPSCQPSLSLQRPALEDLLLGSDASITCTLNGLRNPEGA
VFTWEPSTGKDAVQKKAVQNSCGCYSVSSVLPGCAERWNSGASFKCTVTHPESGTLTGTIAKVTVNTFPPQVHLLPPPSE
ELALNELLSLTCLVRAFNPKEVLVRWLHGNEELSPESYLVFEPLKEPGEGATTYLVTSVLRVSAETWKQGDQYSCMVGHE
ALPMNFTQKTIDRLSGKPTNVSVSVIMSEGDGICY
;
A,B,C,D
2 'polypeptide(L)'
;DDEATILADNKCMCTRVTSRIIPSTEDPNEDIVERNIRIVVPLNNRENISDPTSPLRRNFVYHLSDVCKKCDPVEVELED
QVVTATQSNICNEDDGVPETCYMYDRNKCYTTMVPLRYHGETKMVQAALTPDSCYPD
;
J
#
# COMPACT_ATOMS: atom_id res chain seq x y z
N CYS A 125 -26.15 -19.80 52.47
CA CYS A 125 -25.60 -21.14 52.28
C CYS A 125 -26.71 -22.15 52.00
N GLN A 126 -27.64 -21.78 51.13
CA GLN A 126 -28.66 -22.72 50.71
C GLN A 126 -28.21 -23.44 49.44
N PRO A 127 -28.63 -24.69 49.25
CA PRO A 127 -28.17 -25.45 48.08
C PRO A 127 -28.40 -24.69 46.79
N SER A 128 -27.37 -24.66 45.94
CA SER A 128 -27.44 -23.88 44.71
C SER A 128 -26.40 -24.40 43.72
N LEU A 129 -26.66 -24.10 42.44
CA LEU A 129 -25.80 -24.48 41.33
C LEU A 129 -25.43 -23.24 40.54
N SER A 130 -24.17 -23.13 40.14
CA SER A 130 -23.76 -22.05 39.25
C SER A 130 -22.60 -22.54 38.38
N LEU A 131 -22.49 -21.96 37.20
CA LEU A 131 -21.47 -22.34 36.22
C LEU A 131 -20.55 -21.16 35.94
N GLN A 132 -19.27 -21.47 35.70
CA GLN A 132 -18.24 -20.48 35.51
C GLN A 132 -17.52 -20.72 34.19
N ARG A 133 -17.29 -19.60 33.48
CA ARG A 133 -16.71 -19.58 32.15
C ARG A 133 -15.22 -19.94 32.20
N PRO A 134 -14.65 -20.26 31.05
CA PRO A 134 -13.18 -20.39 30.96
C PRO A 134 -12.50 -19.04 31.13
N ALA A 135 -11.25 -19.10 31.57
CA ALA A 135 -10.43 -17.91 31.64
C ALA A 135 -10.11 -17.41 30.23
N LEU A 136 -10.18 -16.09 30.05
CA LEU A 136 -9.88 -15.52 28.74
C LEU A 136 -8.47 -15.86 28.29
N GLU A 137 -7.53 -15.99 29.24
CA GLU A 137 -6.17 -16.36 28.88
C GLU A 137 -6.12 -17.78 28.33
N ASP A 138 -6.91 -18.69 28.89
CA ASP A 138 -6.98 -20.04 28.34
C ASP A 138 -7.54 -20.03 26.92
N LEU A 139 -8.44 -19.10 26.62
CA LEU A 139 -9.09 -19.07 25.32
C LEU A 139 -8.17 -18.46 24.26
N LEU A 140 -7.48 -17.36 24.60
CA LEU A 140 -6.76 -16.59 23.58
C LEU A 140 -5.31 -17.06 23.40
N LEU A 141 -4.65 -17.48 24.48
CA LEU A 141 -3.25 -17.88 24.41
C LEU A 141 -3.07 -19.40 24.40
N GLY A 142 -3.70 -20.10 25.34
CA GLY A 142 -3.55 -21.53 25.47
C GLY A 142 -4.58 -22.30 24.67
N SER A 143 -4.60 -23.61 24.91
CA SER A 143 -5.56 -24.51 24.30
C SER A 143 -6.43 -25.23 25.32
N ASP A 144 -6.17 -25.04 26.62
CA ASP A 144 -6.88 -25.76 27.66
C ASP A 144 -8.12 -24.99 28.09
N ALA A 145 -9.07 -24.90 27.16
CA ALA A 145 -10.36 -24.29 27.45
C ALA A 145 -11.24 -25.27 28.20
N SER A 146 -11.94 -24.77 29.22
CA SER A 146 -12.72 -25.64 30.09
C SER A 146 -13.83 -24.84 30.75
N ILE A 147 -14.82 -25.57 31.26
CA ILE A 147 -15.96 -24.98 31.95
C ILE A 147 -16.04 -25.56 33.35
N THR A 148 -16.40 -24.75 34.34
CA THR A 148 -16.50 -25.23 35.72
C THR A 148 -17.95 -25.23 36.17
N CYS A 149 -18.40 -26.37 36.69
CA CYS A 149 -19.75 -26.53 37.23
C CYS A 149 -19.63 -26.68 38.75
N THR A 150 -20.25 -25.75 39.49
CA THR A 150 -20.03 -25.64 40.93
C THR A 150 -21.35 -25.75 41.69
N LEU A 151 -21.34 -26.59 42.72
CA LEU A 151 -22.37 -26.69 43.75
C LEU A 151 -21.96 -25.90 44.98
N ASN A 152 -22.95 -25.35 45.67
CA ASN A 152 -22.69 -24.59 46.88
C ASN A 152 -23.87 -24.74 47.83
N GLY A 153 -23.63 -24.38 49.09
CA GLY A 153 -24.65 -24.43 50.14
C GLY A 153 -24.69 -25.72 50.93
N LEU A 154 -24.65 -26.86 50.23
CA LEU A 154 -24.81 -28.18 50.84
C LEU A 154 -23.99 -28.34 52.12
N ARG A 155 -24.45 -29.20 53.03
CA ARG A 155 -23.77 -29.47 54.30
C ARG A 155 -22.96 -30.77 54.29
N ASN A 156 -22.91 -31.47 53.16
CA ASN A 156 -22.20 -32.77 53.10
C ASN A 156 -20.93 -32.80 52.22
N PRO A 157 -19.74 -32.98 52.83
CA PRO A 157 -18.53 -33.00 52.00
C PRO A 157 -18.47 -34.12 51.00
N GLU A 158 -19.15 -35.23 51.32
CA GLU A 158 -19.19 -36.42 50.48
C GLU A 158 -19.46 -36.13 48.98
N GLY A 159 -18.79 -36.88 48.09
CA GLY A 159 -18.92 -36.70 46.65
C GLY A 159 -20.34 -36.54 46.10
N ALA A 160 -20.55 -35.57 45.21
CA ALA A 160 -21.87 -35.32 44.57
C ALA A 160 -21.80 -35.86 43.12
N VAL A 161 -22.79 -35.60 42.26
CA VAL A 161 -22.64 -36.12 40.90
C VAL A 161 -22.78 -35.00 39.91
N PHE A 162 -21.89 -34.96 38.92
CA PHE A 162 -21.93 -33.98 37.85
C PHE A 162 -22.17 -34.68 36.52
N THR A 163 -23.13 -34.17 35.75
CA THR A 163 -23.44 -34.66 34.42
C THR A 163 -23.29 -33.50 33.44
N TRP A 164 -22.50 -33.73 32.40
CA TRP A 164 -22.25 -32.73 31.38
C TRP A 164 -23.10 -33.07 30.15
N GLU A 165 -23.95 -32.13 29.75
CA GLU A 165 -24.85 -32.38 28.63
C GLU A 165 -24.12 -32.70 27.34
N PRO A 166 -23.00 -32.04 26.99
CA PRO A 166 -22.31 -32.37 25.73
C PRO A 166 -21.99 -33.84 25.59
N SER A 167 -21.90 -34.56 26.70
CA SER A 167 -21.69 -36.01 26.70
C SER A 167 -20.45 -36.38 25.89
N THR A 168 -19.34 -35.75 26.22
CA THR A 168 -18.08 -36.04 25.54
C THR A 168 -17.49 -37.34 26.07
N GLY A 169 -16.59 -37.91 25.27
CA GLY A 169 -15.80 -39.04 25.74
C GLY A 169 -14.61 -38.63 26.59
N LYS A 170 -14.13 -37.40 26.42
CA LYS A 170 -13.02 -36.91 27.22
C LYS A 170 -13.37 -36.95 28.70
N ASP A 171 -12.35 -37.12 29.53
CA ASP A 171 -12.53 -37.33 30.96
C ASP A 171 -12.86 -36.02 31.66
N ALA A 172 -14.15 -35.77 31.85
CA ALA A 172 -14.56 -34.73 32.78
C ALA A 172 -14.14 -35.11 34.19
N VAL A 173 -13.64 -34.14 34.95
CA VAL A 173 -12.96 -34.41 36.21
C VAL A 173 -13.71 -33.73 37.35
N GLN A 174 -14.04 -34.51 38.37
CA GLN A 174 -14.45 -33.99 39.67
C GLN A 174 -13.20 -33.82 40.53
N LYS A 175 -13.00 -32.62 41.06
CA LYS A 175 -11.76 -32.24 41.71
C LYS A 175 -11.95 -32.30 43.23
N LYS A 176 -11.61 -31.27 44.00
CA LYS A 176 -11.61 -31.31 45.44
C LYS A 176 -12.56 -30.25 45.98
N ALA A 177 -13.48 -30.67 46.85
CA ALA A 177 -14.41 -29.72 47.45
C ALA A 177 -13.70 -28.87 48.49
N VAL A 178 -14.24 -27.68 48.73
CA VAL A 178 -13.62 -26.68 49.60
C VAL A 178 -14.63 -26.23 50.64
N GLN A 179 -14.18 -26.08 51.89
CA GLN A 179 -15.01 -25.56 52.96
C GLN A 179 -14.89 -24.05 53.03
N ASN A 180 -16.01 -23.37 53.21
CA ASN A 180 -16.05 -21.92 53.23
C ASN A 180 -15.91 -21.39 54.66
N SER A 181 -15.99 -20.06 54.80
CA SER A 181 -15.74 -19.45 56.10
C SER A 181 -16.76 -19.88 57.14
N CYS A 182 -17.99 -20.17 56.72
CA CYS A 182 -19.05 -20.58 57.64
C CYS A 182 -19.17 -22.09 57.76
N GLY A 183 -18.20 -22.85 57.24
CA GLY A 183 -18.32 -24.28 57.21
C GLY A 183 -19.15 -24.81 56.06
N CYS A 184 -19.58 -23.94 55.14
CA CYS A 184 -20.34 -24.37 53.99
C CYS A 184 -19.42 -24.99 52.95
N TYR A 185 -19.93 -25.96 52.22
CA TYR A 185 -19.14 -26.79 51.33
C TYR A 185 -19.38 -26.37 49.88
N SER A 186 -18.30 -26.19 49.14
CA SER A 186 -18.35 -25.89 47.71
C SER A 186 -17.73 -27.04 46.94
N VAL A 187 -18.41 -27.50 45.90
CA VAL A 187 -17.96 -28.65 45.12
C VAL A 187 -17.91 -28.21 43.66
N SER A 188 -16.98 -28.78 42.90
CA SER A 188 -16.93 -28.36 41.50
C SER A 188 -16.31 -29.46 40.65
N SER A 189 -16.67 -29.44 39.37
CA SER A 189 -16.07 -30.29 38.35
C SER A 189 -15.76 -29.45 37.12
N VAL A 190 -14.88 -29.98 36.27
CA VAL A 190 -14.39 -29.24 35.11
C VAL A 190 -14.56 -30.08 33.86
N LEU A 191 -15.11 -29.47 32.81
CA LEU A 191 -15.20 -30.08 31.49
C LEU A 191 -14.08 -29.52 30.64
N PRO A 192 -13.10 -30.32 30.21
CA PRO A 192 -12.03 -29.82 29.36
C PRO A 192 -12.40 -29.86 27.88
N GLY A 193 -11.59 -29.17 27.08
CA GLY A 193 -11.75 -29.19 25.64
C GLY A 193 -12.85 -28.31 25.11
N CYS A 194 -13.27 -27.30 25.86
CA CYS A 194 -14.31 -26.38 25.41
C CYS A 194 -13.69 -25.26 24.57
N ALA A 195 -13.11 -25.66 23.43
CA ALA A 195 -12.38 -24.74 22.58
C ALA A 195 -13.20 -24.34 21.36
N GLU A 196 -13.25 -25.22 20.35
CA GLU A 196 -13.97 -24.90 19.12
C GLU A 196 -15.44 -24.59 19.38
N ARG A 197 -16.01 -25.19 20.42
CA ARG A 197 -17.43 -24.97 20.70
C ARG A 197 -17.70 -23.53 21.13
N TRP A 198 -16.82 -22.95 21.94
CA TRP A 198 -16.99 -21.55 22.31
C TRP A 198 -16.67 -20.63 21.13
N ASN A 199 -15.62 -20.95 20.37
CA ASN A 199 -15.30 -20.15 19.19
C ASN A 199 -16.44 -20.19 18.18
N SER A 200 -17.21 -21.27 18.17
CA SER A 200 -18.36 -21.39 17.28
C SER A 200 -19.63 -20.79 17.86
N GLY A 201 -19.60 -20.33 19.12
CA GLY A 201 -20.78 -19.80 19.76
C GLY A 201 -21.74 -20.84 20.29
N ALA A 202 -21.26 -22.06 20.53
CA ALA A 202 -22.12 -23.11 21.05
C ALA A 202 -22.33 -22.94 22.55
N SER A 203 -23.48 -23.41 23.02
CA SER A 203 -23.83 -23.32 24.43
C SER A 203 -23.46 -24.61 25.15
N PHE A 204 -23.35 -24.50 26.48
CA PHE A 204 -23.05 -25.65 27.32
C PHE A 204 -24.06 -25.72 28.46
N LYS A 205 -24.31 -26.94 28.93
CA LYS A 205 -25.26 -27.17 30.01
C LYS A 205 -24.67 -28.17 31.00
N CYS A 206 -25.05 -28.00 32.27
CA CYS A 206 -24.60 -28.87 33.35
C CYS A 206 -25.80 -29.22 34.23
N THR A 207 -25.95 -30.51 34.52
CA THR A 207 -26.94 -31.02 35.46
C THR A 207 -26.22 -31.70 36.61
N VAL A 208 -26.63 -31.40 37.84
CA VAL A 208 -25.92 -31.89 39.01
C VAL A 208 -26.90 -32.54 39.96
N THR A 209 -26.44 -33.57 40.66
CA THR A 209 -27.18 -34.22 41.73
C THR A 209 -26.51 -33.89 43.06
N HIS A 210 -27.26 -33.21 43.92
CA HIS A 210 -26.84 -32.92 45.28
C HIS A 210 -26.88 -34.19 46.13
N PRO A 211 -25.91 -34.39 47.03
CA PRO A 211 -26.03 -35.52 47.96
C PRO A 211 -27.23 -35.39 48.87
N GLU A 212 -27.68 -34.18 49.15
CA GLU A 212 -28.77 -33.92 50.09
C GLU A 212 -30.12 -33.76 49.43
N SER A 213 -30.20 -33.79 48.09
CA SER A 213 -31.44 -33.40 47.42
C SER A 213 -31.47 -34.05 46.04
N GLY A 214 -32.23 -33.44 45.13
CA GLY A 214 -32.36 -33.94 43.78
C GLY A 214 -31.39 -33.32 42.81
N THR A 215 -31.87 -32.85 41.66
CA THR A 215 -31.00 -32.34 40.62
C THR A 215 -31.28 -30.86 40.33
N LEU A 216 -30.21 -30.15 39.99
CA LEU A 216 -30.26 -28.77 39.54
C LEU A 216 -29.63 -28.68 38.16
N THR A 217 -30.03 -27.67 37.38
CA THR A 217 -29.54 -27.53 36.01
C THR A 217 -29.19 -26.08 35.73
N GLY A 218 -28.27 -25.88 34.79
CA GLY A 218 -27.93 -24.53 34.35
C GLY A 218 -27.13 -24.58 33.07
N THR A 219 -26.94 -23.41 32.47
CA THR A 219 -26.25 -23.30 31.19
C THR A 219 -25.33 -22.09 31.17
N ILE A 220 -24.35 -22.16 30.28
CA ILE A 220 -23.53 -21.02 29.88
C ILE A 220 -23.67 -20.86 28.37
N ALA A 221 -23.68 -19.60 27.92
CA ALA A 221 -23.70 -19.28 26.51
C ALA A 221 -22.81 -18.07 26.25
N LYS A 222 -22.12 -18.08 25.12
CA LYS A 222 -21.27 -16.96 24.73
C LYS A 222 -22.11 -15.83 24.18
N VAL A 223 -21.73 -14.60 24.51
CA VAL A 223 -22.39 -13.43 23.93
C VAL A 223 -21.97 -13.34 22.46
N THR A 224 -22.95 -13.47 21.57
CA THR A 224 -22.73 -13.34 20.13
C THR A 224 -23.52 -12.18 19.54
N VAL A 225 -23.96 -11.25 20.39
CA VAL A 225 -24.86 -10.17 19.98
C VAL A 225 -24.15 -8.82 20.06
N ASN A 226 -23.58 -8.50 21.21
CA ASN A 226 -22.92 -7.21 21.44
C ASN A 226 -21.41 -7.40 21.62
N THR A 227 -20.81 -8.22 20.76
CA THR A 227 -19.38 -8.56 20.83
C THR A 227 -18.58 -7.40 20.26
N PHE A 228 -18.38 -6.37 21.08
CA PHE A 228 -17.67 -5.19 20.64
C PHE A 228 -16.24 -5.22 21.16
N PRO A 229 -15.23 -5.16 20.29
CA PRO A 229 -13.85 -5.13 20.77
C PRO A 229 -13.48 -3.75 21.27
N PRO A 230 -12.43 -3.62 22.07
CA PRO A 230 -12.05 -2.31 22.60
C PRO A 230 -11.34 -1.45 21.58
N GLN A 231 -11.40 -0.15 21.82
CA GLN A 231 -10.48 0.81 21.22
C GLN A 231 -9.41 1.13 22.25
N VAL A 232 -8.16 1.11 21.83
CA VAL A 232 -7.02 1.26 22.73
C VAL A 232 -6.28 2.54 22.38
N HIS A 233 -6.09 3.40 23.39
CA HIS A 233 -5.35 4.64 23.22
C HIS A 233 -4.33 4.78 24.33
N LEU A 234 -3.12 5.16 23.94
CA LEU A 234 -2.00 5.26 24.87
C LEU A 234 -1.63 6.72 25.07
N LEU A 235 -1.17 7.05 26.28
CA LEU A 235 -0.87 8.44 26.58
C LEU A 235 0.55 8.59 27.11
N PRO A 236 1.24 9.65 26.72
CA PRO A 236 2.62 9.86 27.20
C PRO A 236 2.63 10.32 28.64
N PRO A 237 3.81 10.52 29.23
CA PRO A 237 3.87 10.99 30.61
C PRO A 237 3.30 12.38 30.72
N PRO A 238 2.75 12.74 31.87
CA PRO A 238 2.33 14.13 32.09
C PRO A 238 3.54 15.04 32.23
N SER A 239 3.32 16.33 31.93
CA SER A 239 4.44 17.25 31.80
C SER A 239 5.08 17.56 33.16
N GLU A 240 4.29 17.55 34.24
CA GLU A 240 4.84 17.89 35.56
C GLU A 240 5.98 16.96 35.93
N GLU A 241 5.73 15.64 35.89
CA GLU A 241 6.78 14.68 36.23
C GLU A 241 7.82 14.60 35.12
N LEU A 242 7.39 14.72 33.87
CA LEU A 242 8.32 14.65 32.74
C LEU A 242 9.41 15.71 32.88
N ALA A 243 9.06 16.90 33.37
CA ALA A 243 10.04 17.95 33.56
C ALA A 243 11.07 17.61 34.61
N LEU A 244 10.78 16.66 35.50
CA LEU A 244 11.66 16.31 36.60
C LEU A 244 12.46 15.03 36.35
N ASN A 245 12.24 14.35 35.23
CA ASN A 245 12.88 13.06 34.94
C ASN A 245 12.46 12.09 36.02
N GLU A 246 13.37 11.55 36.83
CA GLU A 246 13.04 10.61 37.92
C GLU A 246 12.30 9.43 37.31
N LEU A 247 11.04 9.19 37.67
CA LEU A 247 10.27 8.05 37.22
C LEU A 247 8.97 8.57 36.60
N LEU A 248 8.64 8.07 35.41
CA LEU A 248 7.51 8.53 34.62
C LEU A 248 6.40 7.49 34.65
N SER A 249 5.19 7.92 34.32
CA SER A 249 4.04 7.02 34.24
C SER A 249 3.52 7.03 32.81
N LEU A 250 3.58 5.87 32.15
CA LEU A 250 2.89 5.67 30.89
C LEU A 250 1.54 4.99 31.17
N THR A 251 0.53 5.32 30.38
CA THR A 251 -0.81 4.80 30.65
C THR A 251 -1.47 4.31 29.36
N CYS A 252 -2.28 3.26 29.54
CA CYS A 252 -3.02 2.62 28.47
C CYS A 252 -4.50 2.60 28.83
N LEU A 253 -5.33 3.08 27.92
CA LEU A 253 -6.79 3.11 28.08
C LEU A 253 -7.42 2.16 27.09
N VAL A 254 -8.24 1.25 27.60
CA VAL A 254 -8.97 0.26 26.82
C VAL A 254 -10.45 0.56 27.01
N ARG A 255 -11.13 0.97 25.94
CA ARG A 255 -12.47 1.53 26.08
C ARG A 255 -13.46 0.85 25.16
N ALA A 256 -14.73 0.92 25.56
CA ALA A 256 -15.87 0.57 24.70
C ALA A 256 -15.83 -0.89 24.27
N PHE A 257 -15.64 -1.78 25.22
CA PHE A 257 -15.67 -3.22 24.97
C PHE A 257 -16.69 -3.86 25.91
N ASN A 258 -17.40 -4.88 25.41
CA ASN A 258 -18.56 -5.40 26.11
C ASN A 258 -18.21 -6.53 27.07
N PRO A 259 -17.78 -7.72 26.62
CA PRO A 259 -17.46 -8.78 27.58
C PRO A 259 -16.56 -8.27 28.70
N LYS A 260 -16.74 -8.85 29.89
CA LYS A 260 -16.27 -8.28 31.14
C LYS A 260 -14.82 -8.64 31.47
N GLU A 261 -14.11 -9.33 30.58
CA GLU A 261 -12.75 -9.74 30.86
C GLU A 261 -11.86 -9.36 29.69
N VAL A 262 -10.69 -8.79 30.00
CA VAL A 262 -9.73 -8.36 29.00
C VAL A 262 -8.34 -8.78 29.46
N LEU A 263 -7.48 -9.15 28.52
CA LEU A 263 -6.09 -9.46 28.81
C LEU A 263 -5.24 -8.24 28.47
N VAL A 264 -4.58 -7.67 29.48
CA VAL A 264 -3.76 -6.49 29.27
C VAL A 264 -2.34 -6.80 29.73
N ARG A 265 -1.38 -6.65 28.83
CA ARG A 265 0.03 -6.81 29.14
C ARG A 265 0.79 -5.59 28.65
N TRP A 266 1.90 -5.31 29.31
CA TRP A 266 2.76 -4.19 28.96
C TRP A 266 4.11 -4.71 28.51
N LEU A 267 4.64 -4.13 27.44
CA LEU A 267 5.89 -4.59 26.84
C LEU A 267 6.96 -3.53 26.99
N HIS A 268 8.19 -3.93 26.72
CA HIS A 268 9.37 -3.09 26.71
C HIS A 268 9.80 -2.89 25.25
N GLY A 269 11.08 -2.59 25.06
CA GLY A 269 11.64 -2.63 23.72
C GLY A 269 11.56 -4.03 23.14
N ASN A 270 10.52 -4.30 22.36
CA ASN A 270 10.27 -5.61 21.76
C ASN A 270 10.64 -6.74 22.75
N GLU A 271 10.15 -6.61 23.97
CA GLU A 271 10.45 -7.57 25.03
C GLU A 271 9.40 -7.47 26.12
N GLU A 272 8.84 -8.60 26.52
CA GLU A 272 7.79 -8.58 27.53
C GLU A 272 8.33 -8.06 28.85
N LEU A 273 7.49 -7.28 29.54
CA LEU A 273 7.83 -6.67 30.82
C LEU A 273 7.14 -7.42 31.95
N SER A 274 7.84 -7.58 33.06
CA SER A 274 7.36 -8.44 34.14
C SER A 274 6.11 -7.84 34.78
N PRO A 275 5.10 -8.65 35.10
CA PRO A 275 3.86 -8.11 35.69
C PRO A 275 4.05 -7.36 36.99
N GLU A 276 5.13 -7.62 37.74
CA GLU A 276 5.27 -6.95 39.03
C GLU A 276 5.49 -5.45 38.88
N SER A 277 5.73 -4.94 37.68
CA SER A 277 6.01 -3.53 37.48
C SER A 277 4.89 -2.75 36.79
N TYR A 278 3.83 -3.41 36.32
CA TYR A 278 2.69 -2.71 35.76
C TYR A 278 1.46 -2.89 36.64
N LEU A 279 0.55 -1.92 36.54
CA LEU A 279 -0.60 -1.81 37.44
C LEU A 279 -1.85 -1.76 36.58
N VAL A 280 -2.63 -2.84 36.58
CA VAL A 280 -3.83 -2.98 35.75
C VAL A 280 -5.04 -2.94 36.67
N PHE A 281 -6.04 -2.16 36.27
CA PHE A 281 -7.27 -2.01 37.04
C PHE A 281 -8.39 -2.81 36.40
N GLU A 282 -9.42 -3.11 37.20
CA GLU A 282 -10.50 -3.97 36.74
C GLU A 282 -11.41 -3.22 35.79
N PRO A 283 -12.12 -3.94 34.90
CA PRO A 283 -13.11 -3.30 34.04
C PRO A 283 -14.22 -2.65 34.86
N LEU A 284 -14.73 -1.53 34.34
CA LEU A 284 -15.75 -0.74 35.02
C LEU A 284 -16.76 -0.25 33.99
N LYS A 285 -18.03 -0.53 34.23
CA LYS A 285 -19.06 -0.25 33.22
C LYS A 285 -19.13 1.24 32.91
N GLU A 286 -19.27 1.55 31.62
CA GLU A 286 -19.29 2.93 31.16
C GLU A 286 -20.65 3.58 31.43
N PRO A 287 -20.69 4.91 31.52
CA PRO A 287 -21.97 5.60 31.70
C PRO A 287 -22.74 5.74 30.40
N GLY A 288 -24.01 6.07 30.54
CA GLY A 288 -24.86 6.31 29.39
C GLY A 288 -25.62 5.08 28.94
N GLU A 289 -26.31 5.25 27.81
CA GLU A 289 -27.12 4.21 27.22
C GLU A 289 -26.38 3.54 26.06
N GLY A 290 -26.80 2.33 25.75
CA GLY A 290 -26.23 1.52 24.69
C GLY A 290 -25.90 0.14 25.20
N ALA A 291 -25.18 -0.63 24.38
CA ALA A 291 -24.71 -1.93 24.80
C ALA A 291 -23.75 -1.78 25.97
N THR A 292 -23.81 -2.73 26.90
CA THR A 292 -22.93 -2.67 28.06
C THR A 292 -21.48 -2.69 27.62
N THR A 293 -20.72 -1.67 28.03
CA THR A 293 -19.31 -1.57 27.71
C THR A 293 -18.54 -1.21 28.98
N TYR A 294 -17.23 -1.46 28.95
CA TYR A 294 -16.37 -1.26 30.10
C TYR A 294 -15.11 -0.50 29.70
N LEU A 295 -14.53 0.20 30.67
CA LEU A 295 -13.21 0.79 30.55
C LEU A 295 -12.22 0.00 31.40
N VAL A 296 -10.96 -0.01 30.95
CA VAL A 296 -9.86 -0.52 31.75
C VAL A 296 -8.68 0.43 31.57
N THR A 297 -8.02 0.76 32.68
CA THR A 297 -6.86 1.63 32.66
C THR A 297 -5.68 0.89 33.27
N SER A 298 -4.49 1.18 32.74
CA SER A 298 -3.29 0.57 33.32
C SER A 298 -2.14 1.55 33.25
N VAL A 299 -1.24 1.43 34.22
CA VAL A 299 -0.11 2.35 34.38
C VAL A 299 1.17 1.53 34.47
N LEU A 300 2.15 1.90 33.65
CA LEU A 300 3.48 1.31 33.64
C LEU A 300 4.47 2.39 34.08
N ARG A 301 5.14 2.16 35.20
CA ARG A 301 6.15 3.09 35.67
C ARG A 301 7.46 2.83 34.92
N VAL A 302 8.08 3.91 34.44
CA VAL A 302 9.14 3.85 33.45
C VAL A 302 10.28 4.74 33.91
N SER A 303 11.49 4.19 33.97
CA SER A 303 12.65 5.01 34.30
C SER A 303 12.81 6.12 33.27
N ALA A 304 12.97 7.35 33.75
CA ALA A 304 13.12 8.49 32.84
C ALA A 304 14.29 8.31 31.87
N GLU A 305 15.29 7.50 32.25
CA GLU A 305 16.43 7.30 31.37
C GLU A 305 16.02 6.54 30.10
N THR A 306 15.29 5.43 30.27
CA THR A 306 14.81 4.70 29.11
C THR A 306 13.90 5.56 28.25
N TRP A 307 13.13 6.46 28.87
CA TRP A 307 12.30 7.38 28.11
C TRP A 307 13.16 8.33 27.28
N LYS A 308 14.13 8.98 27.92
CA LYS A 308 14.99 9.92 27.21
C LYS A 308 15.71 9.25 26.06
N GLN A 309 16.11 7.99 26.23
CA GLN A 309 16.81 7.29 25.16
C GLN A 309 15.86 6.75 24.09
N GLY A 310 14.55 6.84 24.28
CA GLY A 310 13.60 6.42 23.27
C GLY A 310 13.26 4.96 23.26
N ASP A 311 13.42 4.26 24.39
CA ASP A 311 12.99 2.87 24.45
C ASP A 311 11.51 2.77 24.11
N GLN A 312 11.17 1.75 23.31
CA GLN A 312 9.83 1.62 22.77
C GLN A 312 9.00 0.73 23.67
N TYR A 313 7.88 1.27 24.17
CA TYR A 313 6.95 0.55 25.02
C TYR A 313 5.65 0.31 24.26
N SER A 314 4.85 -0.64 24.74
CA SER A 314 3.60 -0.91 24.05
C SER A 314 2.59 -1.57 24.98
N CYS A 315 1.33 -1.28 24.72
CA CYS A 315 0.19 -1.90 25.40
C CYS A 315 -0.38 -2.98 24.48
N MET A 316 -0.52 -4.19 25.03
CA MET A 316 -1.04 -5.36 24.34
C MET A 316 -2.36 -5.73 24.97
N VAL A 317 -3.42 -5.81 24.16
CA VAL A 317 -4.77 -6.00 24.67
C VAL A 317 -5.44 -7.14 23.91
N GLY A 318 -6.06 -8.05 24.65
CA GLY A 318 -6.63 -9.25 24.07
C GLY A 318 -8.04 -9.50 24.56
N HIS A 319 -8.82 -10.17 23.70
CA HIS A 319 -10.27 -10.15 23.78
C HIS A 319 -10.81 -11.16 22.77
N GLU A 320 -12.00 -11.72 23.07
CA GLU A 320 -12.60 -12.72 22.19
C GLU A 320 -13.49 -12.12 21.11
N ALA A 321 -13.93 -10.87 21.26
CA ALA A 321 -14.72 -10.20 20.24
C ALA A 321 -13.87 -9.54 19.16
N LEU A 322 -12.55 -9.57 19.30
CA LEU A 322 -11.67 -9.03 18.27
C LEU A 322 -11.31 -10.13 17.27
N PRO A 323 -11.51 -9.91 15.97
CA PRO A 323 -11.21 -10.97 14.99
C PRO A 323 -9.86 -11.63 15.24
N MET A 324 -8.83 -10.82 15.45
CA MET A 324 -7.57 -11.30 15.99
C MET A 324 -7.64 -11.26 17.50
N ASN A 325 -6.94 -12.19 18.14
CA ASN A 325 -7.02 -12.27 19.59
C ASN A 325 -6.47 -11.03 20.27
N PHE A 326 -5.60 -10.28 19.62
CA PHE A 326 -4.91 -9.17 20.28
C PHE A 326 -4.74 -7.98 19.34
N THR A 327 -4.52 -6.83 19.98
CA THR A 327 -4.17 -5.60 19.31
C THR A 327 -3.08 -4.92 20.14
N GLN A 328 -2.28 -4.08 19.48
CA GLN A 328 -1.15 -3.43 20.14
C GLN A 328 -1.09 -1.96 19.76
N LYS A 329 -0.75 -1.13 20.74
CA LYS A 329 -0.40 0.26 20.46
C LYS A 329 0.92 0.57 21.17
N THR A 330 1.63 1.59 20.70
CA THR A 330 2.99 1.84 21.15
C THR A 330 3.17 3.27 21.62
N ILE A 331 4.14 3.44 22.53
CA ILE A 331 4.61 4.74 23.00
C ILE A 331 6.12 4.78 22.87
N ASP A 332 6.66 5.94 22.51
CA ASP A 332 8.08 6.23 22.64
C ASP A 332 8.24 7.74 22.77
N ARG A 333 9.50 8.19 22.86
CA ARG A 333 9.75 9.60 23.15
C ARG A 333 9.25 10.52 22.04
N LEU A 334 8.93 9.98 20.86
CA LEU A 334 8.43 10.78 19.75
C LEU A 334 6.94 10.56 19.50
N SER A 335 6.24 9.90 20.42
CA SER A 335 4.80 9.70 20.23
C SER A 335 4.06 11.02 20.18
N GLY A 336 4.58 12.04 20.86
CA GLY A 336 4.02 13.38 20.77
C GLY A 336 4.71 14.18 19.67
N LYS A 337 5.24 15.35 20.00
CA LYS A 337 5.95 16.17 19.04
C LYS A 337 7.10 16.91 19.71
N PRO A 338 8.30 16.89 19.14
CA PRO A 338 9.34 17.81 19.58
C PRO A 338 8.94 19.26 19.31
N THR A 339 9.64 20.19 19.97
CA THR A 339 9.37 21.61 19.78
C THR A 339 9.92 22.14 18.47
N ASN A 340 10.74 21.38 17.75
CA ASN A 340 11.30 21.77 16.46
C ASN A 340 11.05 20.61 15.49
N VAL A 341 9.94 20.70 14.74
CA VAL A 341 9.49 19.62 13.88
C VAL A 341 9.26 20.17 12.48
N SER A 342 9.67 19.39 11.48
CA SER A 342 9.45 19.74 10.09
C SER A 342 9.27 18.47 9.28
N VAL A 343 8.58 18.59 8.15
CA VAL A 343 8.30 17.48 7.26
C VAL A 343 8.64 17.88 5.84
N SER A 344 9.35 17.01 5.13
CA SER A 344 9.68 17.23 3.73
C SER A 344 8.62 16.55 2.87
N VAL A 345 7.90 17.33 2.08
CA VAL A 345 6.84 16.84 1.21
C VAL A 345 7.21 17.19 -0.23
N ILE A 346 7.37 16.16 -1.06
CA ILE A 346 7.81 16.35 -2.44
C ILE A 346 6.79 15.70 -3.35
N MET A 347 6.27 16.49 -4.30
CA MET A 347 5.42 15.98 -5.37
C MET A 347 6.27 15.87 -6.63
N SER A 348 6.50 14.65 -7.09
CA SER A 348 7.38 14.40 -8.22
C SER A 348 6.60 14.40 -9.52
N GLU A 349 7.21 14.95 -10.57
CA GLU A 349 6.57 15.14 -11.87
C GLU A 349 5.52 16.23 -11.80
N GLY A 350 4.38 15.93 -11.19
CA GLY A 350 3.29 16.89 -11.09
C GLY A 350 2.54 17.05 -12.40
N ASP A 351 3.24 17.50 -13.44
CA ASP A 351 2.65 17.66 -14.77
C ASP A 351 2.79 16.41 -15.63
N GLY A 352 3.18 15.29 -15.05
CA GLY A 352 3.35 14.07 -15.80
C GLY A 352 2.01 13.48 -16.22
N ILE A 353 2.09 12.28 -16.79
CA ILE A 353 0.91 11.58 -17.27
C ILE A 353 0.32 10.76 -16.13
N CYS A 354 -0.91 11.09 -15.75
CA CYS A 354 -1.62 10.40 -14.67
C CYS A 354 -2.56 9.38 -15.30
N TYR A 355 -2.23 8.10 -15.17
CA TYR A 355 -3.04 7.04 -15.74
C TYR A 355 -4.12 6.62 -14.75
N CYS B 125 -19.01 -19.21 62.14
CA CYS B 125 -19.42 -18.22 63.14
C CYS B 125 -18.39 -18.14 64.28
N GLN B 126 -17.28 -17.45 64.04
CA GLN B 126 -16.26 -17.25 65.06
C GLN B 126 -16.33 -15.82 65.58
N PRO B 127 -16.64 -15.59 66.85
CA PRO B 127 -16.71 -14.21 67.36
C PRO B 127 -15.44 -13.43 67.07
N SER B 128 -15.62 -12.15 66.74
CA SER B 128 -14.49 -11.27 66.46
C SER B 128 -14.95 -9.82 66.52
N LEU B 129 -14.08 -8.95 67.03
CA LEU B 129 -14.37 -7.52 67.10
C LEU B 129 -13.49 -6.77 66.11
N SER B 130 -14.08 -5.82 65.40
CA SER B 130 -13.31 -4.92 64.55
C SER B 130 -13.96 -3.54 64.56
N LEU B 131 -13.13 -2.52 64.39
CA LEU B 131 -13.58 -1.14 64.33
C LEU B 131 -13.38 -0.62 62.91
N GLN B 132 -14.39 0.08 62.40
CA GLN B 132 -14.38 0.56 61.03
C GLN B 132 -13.86 1.99 60.98
N ARG B 133 -12.78 2.19 60.25
CA ARG B 133 -12.18 3.51 60.13
C ARG B 133 -13.19 4.49 59.54
N PRO B 134 -13.18 5.75 59.97
CA PRO B 134 -14.04 6.75 59.33
C PRO B 134 -13.63 6.99 57.88
N ALA B 135 -14.63 7.03 57.00
CA ALA B 135 -14.37 7.18 55.57
C ALA B 135 -14.10 8.64 55.23
N LEU B 136 -13.27 8.83 54.21
CA LEU B 136 -12.92 10.19 53.78
C LEU B 136 -14.16 11.02 53.53
N GLU B 137 -15.10 10.49 52.74
CA GLU B 137 -16.41 11.11 52.63
C GLU B 137 -16.92 11.43 54.02
N ASP B 138 -17.32 12.68 54.23
CA ASP B 138 -17.78 13.22 55.51
C ASP B 138 -16.64 13.64 56.43
N LEU B 139 -15.43 13.12 56.20
CA LEU B 139 -14.32 13.42 57.12
C LEU B 139 -13.76 14.82 56.89
N LEU B 140 -12.93 14.99 55.85
CA LEU B 140 -12.27 16.26 55.60
C LEU B 140 -13.23 17.37 55.19
N LEU B 141 -14.52 17.07 55.00
CA LEU B 141 -15.45 18.04 54.46
C LEU B 141 -16.79 18.10 55.17
N GLY B 142 -17.23 17.04 55.86
CA GLY B 142 -18.53 17.00 56.49
C GLY B 142 -18.47 17.23 57.99
N SER B 143 -19.65 17.42 58.56
CA SER B 143 -19.81 17.62 59.99
C SER B 143 -20.38 16.35 60.63
N ASP B 144 -19.97 16.10 61.87
CA ASP B 144 -20.42 14.93 62.63
C ASP B 144 -19.92 13.64 62.02
N ALA B 145 -18.60 13.51 61.88
CA ALA B 145 -18.01 12.24 61.52
C ALA B 145 -18.15 11.25 62.67
N SER B 146 -18.04 9.96 62.35
CA SER B 146 -18.34 8.93 63.34
C SER B 146 -17.43 7.73 63.14
N ILE B 147 -17.40 6.86 64.16
CA ILE B 147 -16.62 5.62 64.12
C ILE B 147 -17.54 4.48 64.53
N THR B 148 -17.38 3.32 63.89
CA THR B 148 -18.28 2.19 64.12
C THR B 148 -17.52 1.05 64.79
N CYS B 149 -18.15 0.46 65.82
CA CYS B 149 -17.63 -0.69 66.56
C CYS B 149 -18.53 -1.88 66.22
N THR B 150 -17.93 -2.96 65.70
CA THR B 150 -18.70 -4.07 65.16
C THR B 150 -18.20 -5.41 65.65
N LEU B 151 -19.10 -6.21 66.20
CA LEU B 151 -18.87 -7.62 66.50
C LEU B 151 -19.44 -8.46 65.37
N ASN B 152 -18.68 -9.47 64.96
CA ASN B 152 -19.11 -10.44 63.96
C ASN B 152 -18.99 -11.84 64.54
N GLY B 153 -19.67 -12.79 63.91
CA GLY B 153 -19.52 -14.17 64.33
C GLY B 153 -20.42 -14.50 65.50
N LEU B 154 -21.60 -13.91 65.55
CA LEU B 154 -22.50 -14.03 66.66
C LEU B 154 -23.64 -14.99 66.32
N ARG B 155 -24.19 -15.61 67.37
CA ARG B 155 -25.40 -16.42 67.25
C ARG B 155 -26.58 -15.78 67.94
N ASN B 156 -26.44 -14.53 68.39
CA ASN B 156 -27.45 -13.86 69.19
C ASN B 156 -27.53 -12.38 68.82
N PRO B 157 -28.60 -11.94 68.11
CA PRO B 157 -28.73 -10.54 67.70
C PRO B 157 -29.26 -9.61 68.79
N GLU B 158 -28.61 -9.66 69.97
CA GLU B 158 -29.05 -8.86 71.10
C GLU B 158 -28.13 -9.10 72.30
N GLY B 159 -27.93 -8.08 73.13
CA GLY B 159 -27.13 -8.22 74.33
C GLY B 159 -25.73 -7.66 74.22
N ALA B 160 -25.24 -7.38 73.02
CA ALA B 160 -23.93 -6.77 72.87
C ALA B 160 -23.96 -5.37 73.47
N VAL B 161 -22.97 -5.06 74.31
CA VAL B 161 -22.89 -3.73 74.91
C VAL B 161 -21.61 -3.07 74.43
N PHE B 162 -21.74 -2.01 73.63
CA PHE B 162 -20.60 -1.34 73.02
C PHE B 162 -20.20 -0.17 73.91
N THR B 163 -19.28 -0.44 74.83
CA THR B 163 -18.71 0.60 75.67
C THR B 163 -17.59 1.32 74.94
N TRP B 164 -17.60 2.64 75.01
CA TRP B 164 -16.68 3.49 74.25
C TRP B 164 -15.77 4.22 75.23
N GLU B 165 -14.45 4.07 75.06
CA GLU B 165 -13.48 4.74 75.92
C GLU B 165 -12.72 5.86 75.22
N PRO B 166 -13.37 6.72 74.44
CA PRO B 166 -12.74 8.01 74.13
C PRO B 166 -13.21 9.06 75.13
N SER B 167 -14.31 8.72 75.82
CA SER B 167 -14.86 9.56 76.87
C SER B 167 -15.14 10.98 76.37
N THR B 168 -15.78 11.06 75.20
CA THR B 168 -16.23 12.34 74.68
C THR B 168 -17.55 12.79 75.30
N GLY B 169 -18.28 11.87 75.94
CA GLY B 169 -19.60 12.17 76.45
C GLY B 169 -20.73 11.85 75.49
N LYS B 170 -20.43 11.32 74.31
CA LYS B 170 -21.44 10.99 73.31
C LYS B 170 -21.81 9.52 73.41
N ASP B 171 -23.10 9.23 73.27
CA ASP B 171 -23.60 7.87 73.33
C ASP B 171 -23.65 7.29 71.92
N ALA B 172 -22.97 6.17 71.71
CA ALA B 172 -23.03 5.51 70.41
C ALA B 172 -24.41 4.92 70.19
N VAL B 173 -24.85 4.94 68.93
CA VAL B 173 -26.19 4.51 68.56
C VAL B 173 -26.15 3.05 68.15
N GLN B 174 -26.97 2.23 68.81
CA GLN B 174 -27.05 0.81 68.51
C GLN B 174 -27.83 0.60 67.22
N LYS B 175 -27.29 -0.24 66.33
CA LYS B 175 -27.89 -0.52 65.04
C LYS B 175 -28.50 -1.91 65.04
N LYS B 176 -29.38 -2.14 64.07
CA LYS B 176 -30.08 -3.41 63.96
C LYS B 176 -29.11 -4.51 63.50
N ALA B 177 -29.30 -5.71 64.04
CA ALA B 177 -28.45 -6.83 63.68
C ALA B 177 -28.74 -7.31 62.27
N VAL B 178 -27.70 -7.83 61.61
CA VAL B 178 -27.80 -8.36 60.27
C VAL B 178 -27.13 -9.73 60.24
N GLN B 179 -27.39 -10.48 59.17
CA GLN B 179 -26.92 -11.84 59.04
C GLN B 179 -26.13 -12.02 57.75
N ASN B 180 -25.21 -12.98 57.77
CA ASN B 180 -24.50 -13.41 56.57
C ASN B 180 -25.35 -14.44 55.82
N SER B 181 -24.81 -14.93 54.70
CA SER B 181 -25.51 -15.96 53.94
C SER B 181 -25.64 -17.25 54.73
N CYS B 182 -24.77 -17.48 55.71
CA CYS B 182 -24.78 -18.70 56.50
C CYS B 182 -25.57 -18.57 57.79
N GLY B 183 -26.10 -17.38 58.09
CA GLY B 183 -26.84 -17.15 59.32
C GLY B 183 -26.04 -16.50 60.43
N CYS B 184 -24.71 -16.47 60.33
CA CYS B 184 -23.92 -15.80 61.35
C CYS B 184 -24.36 -14.35 61.48
N TYR B 185 -24.33 -13.83 62.70
CA TYR B 185 -24.80 -12.48 62.97
C TYR B 185 -23.65 -11.49 63.10
N SER B 186 -23.99 -10.22 62.84
CA SER B 186 -23.09 -9.08 62.98
C SER B 186 -23.87 -7.96 63.64
N VAL B 187 -23.32 -7.41 64.73
CA VAL B 187 -24.00 -6.41 65.54
C VAL B 187 -23.02 -5.27 65.80
N SER B 188 -23.47 -4.03 65.63
CA SER B 188 -22.56 -2.89 65.71
C SER B 188 -23.27 -1.67 66.29
N SER B 189 -22.45 -0.69 66.68
CA SER B 189 -22.94 0.61 67.11
C SER B 189 -22.02 1.68 66.55
N VAL B 190 -22.51 2.92 66.51
CA VAL B 190 -21.80 4.03 65.88
C VAL B 190 -21.66 5.16 66.90
N LEU B 191 -20.42 5.61 67.11
CA LEU B 191 -20.15 6.77 67.94
C LEU B 191 -20.09 8.02 67.08
N PRO B 192 -20.91 9.04 67.33
CA PRO B 192 -20.72 10.34 66.71
C PRO B 192 -19.61 11.12 67.40
N GLY B 193 -18.90 11.92 66.60
CA GLY B 193 -17.79 12.70 67.12
C GLY B 193 -16.45 12.06 66.80
N CYS B 194 -15.82 12.49 65.71
CA CYS B 194 -14.61 11.85 65.22
C CYS B 194 -13.56 12.85 64.76
N ALA B 195 -13.89 13.63 63.73
CA ALA B 195 -12.88 14.40 63.00
C ALA B 195 -12.01 15.25 63.92
N GLU B 196 -12.62 15.89 64.92
CA GLU B 196 -11.90 16.89 65.70
C GLU B 196 -10.75 16.26 66.50
N ARG B 197 -10.90 15.01 66.94
CA ARG B 197 -9.85 14.29 67.64
C ARG B 197 -9.19 13.21 66.80
N TRP B 198 -9.94 12.62 65.86
CA TRP B 198 -9.37 11.57 65.02
C TRP B 198 -8.25 12.13 64.14
N ASN B 199 -8.49 13.27 63.50
CA ASN B 199 -7.46 13.92 62.70
C ASN B 199 -6.32 14.49 63.55
N SER B 200 -6.49 14.54 64.87
CA SER B 200 -5.45 15.00 65.77
C SER B 200 -4.59 13.86 66.29
N GLY B 201 -4.82 12.63 65.84
CA GLY B 201 -4.06 11.49 66.30
C GLY B 201 -4.59 10.82 67.54
N ALA B 202 -5.82 11.13 67.96
CA ALA B 202 -6.37 10.53 69.16
C ALA B 202 -6.74 9.07 68.91
N SER B 203 -6.60 8.26 69.96
CA SER B 203 -6.92 6.83 69.90
C SER B 203 -8.29 6.60 70.52
N PHE B 204 -9.23 6.18 69.69
CA PHE B 204 -10.59 5.85 70.13
C PHE B 204 -10.65 4.36 70.41
N LYS B 205 -10.83 3.98 71.67
CA LYS B 205 -10.91 2.59 72.05
C LYS B 205 -12.36 2.17 72.26
N CYS B 206 -12.66 0.93 71.90
CA CYS B 206 -13.98 0.35 72.07
C CYS B 206 -13.83 -1.02 72.71
N THR B 207 -14.57 -1.24 73.81
CA THR B 207 -14.71 -2.54 74.43
C THR B 207 -16.17 -2.96 74.31
N VAL B 208 -16.41 -4.16 73.80
CA VAL B 208 -17.76 -4.67 73.60
C VAL B 208 -17.94 -5.90 74.47
N THR B 209 -18.98 -5.88 75.31
CA THR B 209 -19.43 -7.06 76.02
C THR B 209 -20.20 -7.96 75.05
N HIS B 210 -19.72 -9.19 74.92
CA HIS B 210 -20.21 -10.12 73.93
C HIS B 210 -21.63 -10.59 74.29
N PRO B 211 -22.53 -10.70 73.31
CA PRO B 211 -23.90 -11.17 73.63
C PRO B 211 -23.95 -12.45 74.44
N GLU B 212 -22.97 -13.34 74.29
CA GLU B 212 -23.01 -14.67 74.88
C GLU B 212 -21.93 -14.90 75.93
N SER B 213 -20.71 -14.40 75.72
CA SER B 213 -19.65 -14.59 76.70
C SER B 213 -18.41 -13.76 76.40
N GLY B 214 -17.92 -13.02 77.40
CA GLY B 214 -16.64 -12.35 77.30
C GLY B 214 -16.73 -10.95 76.72
N THR B 215 -15.55 -10.36 76.55
CA THR B 215 -15.41 -9.00 76.02
C THR B 215 -14.34 -8.99 74.94
N LEU B 216 -14.44 -8.00 74.06
CA LEU B 216 -13.48 -7.80 72.98
C LEU B 216 -13.12 -6.32 72.90
N THR B 217 -11.90 -6.01 72.44
CA THR B 217 -11.41 -4.64 72.49
C THR B 217 -10.66 -4.29 71.21
N GLY B 218 -10.62 -2.98 70.92
CA GLY B 218 -9.82 -2.50 69.80
C GLY B 218 -9.78 -0.98 69.80
N THR B 219 -9.00 -0.44 68.83
CA THR B 219 -8.82 1.01 68.75
C THR B 219 -8.82 1.48 67.30
N ILE B 220 -9.04 2.79 67.14
CA ILE B 220 -9.02 3.48 65.86
C ILE B 220 -8.29 4.80 66.03
N ALA B 221 -7.60 5.24 64.99
CA ALA B 221 -6.93 6.54 65.03
C ALA B 221 -6.42 6.89 63.64
N LYS B 222 -6.23 8.18 63.42
CA LYS B 222 -5.48 8.62 62.24
C LYS B 222 -4.01 8.32 62.45
N VAL B 223 -3.41 7.60 61.50
CA VAL B 223 -2.01 7.19 61.60
C VAL B 223 -1.19 8.17 60.79
N THR B 224 -0.44 9.02 61.49
CA THR B 224 0.42 10.03 60.88
C THR B 224 1.88 9.60 60.85
N VAL B 225 2.14 8.31 61.03
CA VAL B 225 3.52 7.84 61.19
C VAL B 225 4.30 7.99 59.90
N ASN B 226 3.71 7.56 58.78
CA ASN B 226 4.41 7.59 57.49
C ASN B 226 3.36 7.81 56.40
N THR B 227 2.91 9.05 56.28
CA THR B 227 1.91 9.44 55.30
C THR B 227 2.56 10.16 54.13
N PHE B 228 1.84 10.19 53.00
CA PHE B 228 2.34 10.82 51.78
C PHE B 228 1.21 11.60 51.14
N PRO B 229 1.43 12.88 50.80
CA PRO B 229 0.41 13.63 50.08
C PRO B 229 0.33 13.18 48.63
N PRO B 230 -0.79 13.45 47.95
CA PRO B 230 -0.93 13.00 46.57
C PRO B 230 -0.16 13.83 45.56
N GLN B 231 -0.03 13.25 44.37
CA GLN B 231 0.31 14.01 43.18
C GLN B 231 -0.76 13.74 42.13
N VAL B 232 -1.30 14.81 41.56
CA VAL B 232 -2.40 14.73 40.61
C VAL B 232 -1.87 15.16 39.25
N HIS B 233 -2.08 14.32 38.23
CA HIS B 233 -1.68 14.61 36.87
C HIS B 233 -2.86 14.38 35.95
N LEU B 234 -3.10 15.33 35.04
CA LEU B 234 -4.17 15.20 34.06
C LEU B 234 -3.57 15.00 32.68
N LEU B 235 -4.17 14.09 31.92
CA LEU B 235 -3.68 13.82 30.58
C LEU B 235 -4.72 14.27 29.56
N PRO B 236 -4.38 15.19 28.64
CA PRO B 236 -5.33 15.55 27.59
C PRO B 236 -5.76 14.33 26.81
N PRO B 237 -6.87 14.41 26.08
CA PRO B 237 -7.34 13.24 25.35
C PRO B 237 -6.41 12.91 24.21
N PRO B 238 -6.35 11.64 23.80
CA PRO B 238 -5.46 11.27 22.69
C PRO B 238 -5.94 11.83 21.36
N SER B 239 -4.98 12.06 20.47
CA SER B 239 -5.33 12.54 19.14
C SER B 239 -6.19 11.54 18.39
N GLU B 240 -6.03 10.24 18.69
CA GLU B 240 -6.84 9.22 18.04
C GLU B 240 -8.33 9.44 18.29
N GLU B 241 -8.69 9.98 19.46
CA GLU B 241 -10.08 10.30 19.73
C GLU B 241 -10.46 11.66 19.16
N LEU B 242 -9.59 12.66 19.33
CA LEU B 242 -9.89 14.00 18.83
C LEU B 242 -10.20 13.96 17.35
N ALA B 243 -9.51 13.11 16.58
CA ALA B 243 -9.75 13.02 15.16
C ALA B 243 -11.13 12.50 14.82
N LEU B 244 -11.82 11.86 15.76
CA LEU B 244 -13.10 11.22 15.51
C LEU B 244 -14.28 11.97 16.12
N ASN B 245 -14.05 13.08 16.80
CA ASN B 245 -15.12 13.84 17.49
C ASN B 245 -15.74 12.90 18.51
N GLU B 246 -17.05 12.65 18.48
CA GLU B 246 -17.73 11.76 19.43
C GLU B 246 -17.40 12.25 20.84
N LEU B 247 -16.96 11.38 21.74
CA LEU B 247 -16.59 11.75 23.10
C LEU B 247 -15.12 11.44 23.32
N LEU B 248 -14.47 12.29 24.11
CA LEU B 248 -13.06 12.19 24.43
C LEU B 248 -12.90 11.68 25.86
N SER B 249 -11.78 11.00 26.10
CA SER B 249 -11.46 10.46 27.42
C SER B 249 -10.48 11.40 28.10
N LEU B 250 -10.96 12.16 29.09
CA LEU B 250 -10.08 12.92 29.96
C LEU B 250 -9.74 12.07 31.17
N THR B 251 -8.46 11.89 31.44
CA THR B 251 -8.00 10.97 32.47
C THR B 251 -7.21 11.69 33.56
N CYS B 252 -7.51 11.30 34.80
CA CYS B 252 -6.87 11.83 36.00
C CYS B 252 -6.09 10.68 36.63
N LEU B 253 -4.77 10.83 36.66
CA LEU B 253 -3.84 9.89 37.28
C LEU B 253 -3.44 10.47 38.64
N VAL B 254 -3.77 9.75 39.71
CA VAL B 254 -3.53 10.23 41.07
C VAL B 254 -2.56 9.25 41.71
N ARG B 255 -1.33 9.70 41.93
CA ARG B 255 -0.21 8.84 42.28
C ARG B 255 0.24 9.13 43.72
N ALA B 256 0.55 8.06 44.46
CA ALA B 256 1.31 8.18 45.70
C ALA B 256 0.48 8.70 46.86
N PHE B 257 -0.61 8.01 47.20
CA PHE B 257 -1.23 8.13 48.51
C PHE B 257 -0.62 7.08 49.42
N ASN B 258 -0.46 7.42 50.70
CA ASN B 258 0.07 6.42 51.62
C ASN B 258 -0.95 5.28 51.77
N PRO B 259 -2.12 5.49 52.42
CA PRO B 259 -3.12 4.42 52.40
C PRO B 259 -4.01 4.48 51.17
N LYS B 260 -5.10 3.71 51.16
CA LYS B 260 -5.83 3.44 49.92
C LYS B 260 -6.95 4.43 49.64
N GLU B 261 -7.58 5.01 50.65
CA GLU B 261 -8.77 5.82 50.43
C GLU B 261 -8.43 7.12 49.71
N VAL B 262 -9.31 7.52 48.80
CA VAL B 262 -9.18 8.80 48.10
C VAL B 262 -10.57 9.24 47.66
N LEU B 263 -10.78 10.55 47.55
CA LEU B 263 -12.00 11.11 46.97
C LEU B 263 -11.64 11.74 45.64
N VAL B 264 -12.17 11.19 44.54
CA VAL B 264 -11.88 11.68 43.20
C VAL B 264 -13.17 12.17 42.58
N ARG B 265 -13.23 13.46 42.27
CA ARG B 265 -14.37 14.08 41.62
C ARG B 265 -13.87 14.96 40.48
N TRP B 266 -14.76 15.36 39.58
CA TRP B 266 -14.39 16.27 38.50
C TRP B 266 -15.28 17.51 38.51
N LEU B 267 -14.78 18.57 37.89
CA LEU B 267 -15.52 19.79 37.63
C LEU B 267 -15.61 20.04 36.14
N HIS B 268 -16.79 20.47 35.70
CA HIS B 268 -17.08 20.88 34.32
C HIS B 268 -17.61 22.30 34.39
N GLY B 269 -16.86 23.25 33.84
CA GLY B 269 -17.21 24.66 34.01
C GLY B 269 -17.17 25.10 35.45
N ASN B 270 -16.34 24.45 36.28
CA ASN B 270 -16.19 24.72 37.70
C ASN B 270 -17.39 24.27 38.52
N GLU B 271 -18.29 23.48 37.93
CA GLU B 271 -19.41 22.89 38.65
C GLU B 271 -19.18 21.40 38.84
N GLU B 272 -19.61 20.86 39.97
CA GLU B 272 -19.40 19.46 40.28
C GLU B 272 -20.28 18.58 39.39
N LEU B 273 -19.72 17.46 38.95
CA LEU B 273 -20.44 16.48 38.15
C LEU B 273 -20.96 15.35 39.02
N SER B 274 -22.05 14.74 38.58
CA SER B 274 -22.69 13.71 39.38
C SER B 274 -21.82 12.45 39.44
N PRO B 275 -21.91 11.69 40.53
CA PRO B 275 -21.17 10.42 40.59
C PRO B 275 -21.47 9.47 39.44
N GLU B 276 -22.66 9.57 38.85
CA GLU B 276 -23.04 8.65 37.78
C GLU B 276 -22.21 8.85 36.52
N SER B 277 -21.49 9.97 36.39
CA SER B 277 -20.72 10.25 35.19
C SER B 277 -19.25 9.84 35.30
N TYR B 278 -18.85 9.18 36.38
CA TYR B 278 -17.45 8.87 36.63
C TYR B 278 -17.12 7.46 36.15
N LEU B 279 -15.82 7.22 35.95
CA LEU B 279 -15.28 5.87 35.99
C LEU B 279 -14.00 5.91 36.81
N VAL B 280 -14.13 5.67 38.12
CA VAL B 280 -13.03 5.74 39.07
C VAL B 280 -12.65 4.32 39.43
N PHE B 281 -11.34 4.01 39.35
CA PHE B 281 -10.86 2.64 39.49
C PHE B 281 -10.19 2.45 40.85
N GLU B 282 -10.60 1.40 41.55
CA GLU B 282 -10.20 0.99 42.89
C GLU B 282 -8.72 1.23 43.16
N PRO B 283 -8.35 1.74 44.33
CA PRO B 283 -6.92 1.91 44.65
C PRO B 283 -6.18 0.58 44.64
N LEU B 284 -4.99 0.60 44.04
CA LEU B 284 -4.10 -0.55 44.02
C LEU B 284 -2.73 -0.12 44.51
N LYS B 285 -2.06 -0.99 45.26
CA LYS B 285 -0.75 -0.65 45.79
C LYS B 285 0.25 -0.46 44.64
N GLU B 286 1.10 0.57 44.78
CA GLU B 286 2.06 0.89 43.74
C GLU B 286 3.23 -0.09 43.77
N PRO B 287 3.73 -0.51 42.62
CA PRO B 287 4.94 -1.35 42.60
C PRO B 287 6.16 -0.58 43.10
N GLY B 288 7.14 -1.33 43.56
CA GLY B 288 8.42 -0.78 43.96
C GLY B 288 8.70 -1.02 45.44
N GLU B 289 9.96 -0.81 45.79
CA GLU B 289 10.45 -0.97 47.15
C GLU B 289 10.61 0.39 47.82
N GLY B 290 10.88 0.36 49.13
CA GLY B 290 11.07 1.58 49.89
C GLY B 290 9.90 2.54 49.76
N ALA B 291 8.68 2.02 49.88
CA ALA B 291 7.49 2.85 49.74
C ALA B 291 6.28 2.03 50.17
N THR B 292 5.21 2.75 50.53
CA THR B 292 3.92 2.16 50.89
C THR B 292 2.84 3.12 50.40
N THR B 293 2.55 3.04 49.10
CA THR B 293 1.64 4.00 48.48
C THR B 293 0.63 3.28 47.61
N TYR B 294 -0.36 4.04 47.14
CA TYR B 294 -1.40 3.55 46.25
C TYR B 294 -1.54 4.48 45.06
N LEU B 295 -2.13 3.94 44.00
CA LEU B 295 -2.38 4.65 42.76
C LEU B 295 -3.85 4.51 42.39
N VAL B 296 -4.46 5.60 41.93
CA VAL B 296 -5.84 5.56 41.47
C VAL B 296 -5.93 6.27 40.13
N THR B 297 -6.88 5.83 39.33
CA THR B 297 -7.13 6.42 38.01
C THR B 297 -8.61 6.72 37.88
N SER B 298 -8.93 7.72 37.05
CA SER B 298 -10.31 7.97 36.74
C SER B 298 -10.44 8.50 35.32
N VAL B 299 -11.54 8.14 34.67
CA VAL B 299 -11.85 8.57 33.31
C VAL B 299 -13.18 9.31 33.32
N LEU B 300 -13.21 10.44 32.62
CA LEU B 300 -14.39 11.24 32.36
C LEU B 300 -14.60 11.31 30.86
N ARG B 301 -15.83 11.01 30.43
CA ARG B 301 -16.19 11.05 29.01
C ARG B 301 -16.81 12.42 28.71
N VAL B 302 -16.19 13.15 27.79
CA VAL B 302 -16.51 14.55 27.53
C VAL B 302 -16.80 14.74 26.06
N SER B 303 -17.97 15.31 25.73
CA SER B 303 -18.29 15.59 24.34
C SER B 303 -17.18 16.38 23.68
N ALA B 304 -16.78 15.95 22.47
CA ALA B 304 -15.72 16.65 21.76
C ALA B 304 -16.04 18.11 21.53
N GLU B 305 -17.33 18.45 21.44
CA GLU B 305 -17.71 19.83 21.15
C GLU B 305 -17.38 20.76 22.32
N THR B 306 -17.64 20.32 23.55
CA THR B 306 -17.30 21.15 24.71
C THR B 306 -15.79 21.29 24.86
N TRP B 307 -15.04 20.25 24.50
CA TRP B 307 -13.59 20.34 24.53
C TRP B 307 -13.09 21.34 23.49
N LYS B 308 -13.59 21.25 22.26
CA LYS B 308 -13.16 22.16 21.20
C LYS B 308 -13.59 23.59 21.49
N GLN B 309 -14.71 23.78 22.18
CA GLN B 309 -15.22 25.13 22.46
C GLN B 309 -14.57 25.77 23.66
N GLY B 310 -13.79 25.04 24.44
CA GLY B 310 -13.02 25.60 25.52
C GLY B 310 -13.61 25.48 26.91
N ASP B 311 -14.54 24.55 27.13
CA ASP B 311 -15.01 24.30 28.47
C ASP B 311 -13.86 23.78 29.34
N GLN B 312 -13.78 24.29 30.56
CA GLN B 312 -12.70 23.96 31.47
C GLN B 312 -13.02 22.67 32.22
N TYR B 313 -12.02 21.82 32.42
CA TYR B 313 -12.26 20.60 33.18
C TYR B 313 -11.22 20.47 34.28
N SER B 314 -11.64 19.95 35.43
CA SER B 314 -10.73 19.85 36.57
C SER B 314 -10.95 18.53 37.30
N CYS B 315 -9.87 18.05 37.93
CA CYS B 315 -9.90 16.87 38.78
C CYS B 315 -9.62 17.32 40.21
N MET B 316 -10.58 17.04 41.10
CA MET B 316 -10.50 17.29 42.53
C MET B 316 -10.14 16.00 43.23
N VAL B 317 -9.15 16.07 44.12
CA VAL B 317 -8.61 14.89 44.78
C VAL B 317 -8.46 15.19 46.27
N GLY B 318 -9.12 14.40 47.10
CA GLY B 318 -9.12 14.59 48.55
C GLY B 318 -8.51 13.41 49.28
N HIS B 319 -7.77 13.71 50.34
CA HIS B 319 -7.02 12.73 51.11
C HIS B 319 -6.65 13.34 52.46
N GLU B 320 -6.36 12.45 53.42
CA GLU B 320 -6.16 12.88 54.80
C GLU B 320 -4.94 13.78 54.95
N ALA B 321 -3.77 13.28 54.55
CA ALA B 321 -2.49 13.96 54.81
C ALA B 321 -2.34 15.08 53.78
N LEU B 322 -2.90 16.25 54.10
CA LEU B 322 -3.14 17.24 53.07
C LEU B 322 -3.12 18.65 53.65
N PRO B 323 -2.77 19.64 52.83
CA PRO B 323 -2.72 21.04 53.26
C PRO B 323 -4.06 21.74 53.12
N MET B 324 -4.94 21.19 52.29
CA MET B 324 -6.26 21.78 52.08
C MET B 324 -7.32 20.70 51.95
N ASN B 325 -8.55 21.12 51.67
CA ASN B 325 -9.66 20.19 51.52
C ASN B 325 -9.97 19.93 50.05
N PHE B 326 -9.04 20.33 49.18
CA PHE B 326 -9.22 20.19 47.74
C PHE B 326 -7.94 20.37 46.96
N THR B 327 -7.28 19.29 46.60
CA THR B 327 -6.13 19.40 45.72
C THR B 327 -6.64 19.09 44.32
N GLN B 328 -6.44 20.02 43.38
CA GLN B 328 -6.94 19.82 42.02
C GLN B 328 -6.02 20.30 40.90
N LYS B 329 -6.29 19.77 39.71
CA LYS B 329 -5.59 20.09 38.47
C LYS B 329 -6.61 20.38 37.38
N THR B 330 -6.23 21.22 36.42
CA THR B 330 -7.15 21.63 35.37
C THR B 330 -6.55 21.36 33.99
N ILE B 331 -7.43 21.08 33.03
CA ILE B 331 -7.04 20.92 31.64
C ILE B 331 -8.06 21.59 30.73
N ASP B 332 -7.56 21.93 29.54
CA ASP B 332 -8.28 22.60 28.46
C ASP B 332 -7.77 22.03 27.15
N ARG B 333 -8.41 22.41 26.04
CA ARG B 333 -7.89 22.08 24.73
C ARG B 333 -6.54 22.74 24.47
N LEU B 334 -6.21 23.80 25.20
CA LEU B 334 -5.02 24.59 24.96
C LEU B 334 -3.96 24.34 26.02
N SER B 335 -2.71 24.40 25.59
CA SER B 335 -1.54 24.43 26.46
C SER B 335 -0.37 24.92 25.62
N GLY B 336 0.78 25.09 26.25
CA GLY B 336 2.01 25.28 25.51
C GLY B 336 2.31 24.01 24.76
N LYS B 337 2.20 24.03 23.44
CA LYS B 337 2.26 22.81 22.66
C LYS B 337 3.32 22.88 21.58
N PRO B 338 3.97 21.75 21.26
CA PRO B 338 4.90 21.66 20.12
C PRO B 338 4.18 21.35 18.81
N THR B 339 3.46 22.34 18.27
CA THR B 339 2.59 22.11 17.12
C THR B 339 2.96 22.87 15.86
N ASN B 340 3.97 23.75 15.89
CA ASN B 340 4.34 24.46 14.66
C ASN B 340 5.26 23.54 13.84
N VAL B 341 4.63 22.65 13.10
CA VAL B 341 5.33 21.79 12.17
C VAL B 341 5.53 22.54 10.86
N SER B 342 6.79 22.69 10.45
CA SER B 342 7.12 23.35 9.19
C SER B 342 7.03 22.32 8.07
N VAL B 343 6.07 22.50 7.18
CA VAL B 343 5.81 21.58 6.08
C VAL B 343 6.35 22.20 4.80
N SER B 344 7.49 21.71 4.34
CA SER B 344 8.13 22.22 3.12
C SER B 344 7.65 21.40 1.94
N VAL B 345 6.61 21.89 1.28
CA VAL B 345 6.05 21.23 0.10
C VAL B 345 6.85 21.67 -1.12
N ILE B 346 7.40 20.70 -1.85
CA ILE B 346 8.33 20.95 -2.94
C ILE B 346 7.76 20.35 -4.21
N MET B 347 7.74 21.13 -5.29
CA MET B 347 7.27 20.69 -6.60
C MET B 347 8.50 20.30 -7.42
N SER B 348 8.81 19.00 -7.44
CA SER B 348 9.98 18.52 -8.16
C SER B 348 9.73 17.14 -8.76
N CYS C 125 23.49 -20.63 -54.63
CA CYS C 125 22.16 -21.17 -54.38
C CYS C 125 22.25 -22.67 -54.07
N GLN C 126 22.83 -23.01 -52.89
CA GLN C 126 22.98 -24.41 -52.51
C GLN C 126 21.89 -24.82 -51.52
N PRO C 127 21.56 -26.11 -51.46
CA PRO C 127 20.53 -26.57 -50.52
C PRO C 127 20.85 -26.16 -49.09
N SER C 128 19.83 -25.72 -48.36
CA SER C 128 20.00 -25.26 -46.99
C SER C 128 18.67 -25.42 -46.25
N LEU C 129 18.77 -25.68 -44.94
CA LEU C 129 17.61 -25.93 -44.10
C LEU C 129 17.47 -24.84 -43.05
N SER C 130 16.22 -24.45 -42.78
CA SER C 130 15.94 -23.56 -41.67
C SER C 130 14.51 -23.79 -41.20
N LEU C 131 14.27 -23.48 -39.93
CA LEU C 131 12.96 -23.62 -39.32
C LEU C 131 12.38 -22.24 -39.04
N GLN C 132 11.16 -22.02 -39.51
CA GLN C 132 10.44 -20.77 -39.30
C GLN C 132 9.56 -20.92 -38.07
N ARG C 133 9.88 -20.10 -37.05
CA ARG C 133 9.25 -20.14 -35.74
C ARG C 133 7.77 -19.81 -35.84
N PRO C 134 6.99 -20.20 -34.84
CA PRO C 134 5.57 -19.80 -34.81
C PRO C 134 5.42 -18.30 -34.64
N ALA C 135 4.34 -17.79 -35.21
CA ALA C 135 4.05 -16.36 -35.08
C ALA C 135 3.58 -16.03 -33.68
N LEU C 136 3.97 -14.84 -33.20
CA LEU C 136 3.53 -14.39 -31.88
C LEU C 136 2.02 -14.19 -31.85
N GLU C 137 1.42 -13.81 -32.97
CA GLU C 137 -0.03 -13.63 -33.04
C GLU C 137 -0.74 -14.91 -32.64
N ASP C 138 -0.29 -16.06 -33.15
CA ASP C 138 -0.93 -17.32 -32.84
C ASP C 138 -0.63 -17.77 -31.40
N LEU C 139 0.55 -17.44 -30.89
CA LEU C 139 0.91 -17.88 -29.54
C LEU C 139 0.14 -17.12 -28.48
N LEU C 140 -0.07 -15.82 -28.67
CA LEU C 140 -0.69 -15.01 -27.63
C LEU C 140 -2.18 -14.74 -27.86
N LEU C 141 -2.58 -14.45 -29.10
CA LEU C 141 -3.97 -14.12 -29.39
C LEU C 141 -4.71 -15.20 -30.16
N GLY C 142 -4.06 -15.86 -31.12
CA GLY C 142 -4.71 -16.89 -31.89
C GLY C 142 -4.90 -18.17 -31.07
N SER C 143 -5.28 -19.23 -31.79
CA SER C 143 -5.63 -20.50 -31.16
C SER C 143 -4.75 -21.67 -31.58
N ASP C 144 -3.98 -21.54 -32.67
CA ASP C 144 -3.22 -22.68 -33.18
C ASP C 144 -1.92 -22.16 -33.78
N ALA C 145 -0.82 -22.35 -33.05
CA ALA C 145 0.51 -22.03 -33.55
C ALA C 145 1.11 -23.24 -34.26
N SER C 146 2.02 -22.97 -35.19
CA SER C 146 2.61 -24.02 -36.00
C SER C 146 4.05 -23.66 -36.32
N ILE C 147 4.84 -24.69 -36.63
CA ILE C 147 6.26 -24.52 -36.95
C ILE C 147 6.49 -25.02 -38.37
N THR C 148 7.27 -24.29 -39.16
CA THR C 148 7.50 -24.72 -40.55
C THR C 148 8.96 -25.10 -40.77
N CYS C 149 9.17 -26.29 -41.32
CA CYS C 149 10.49 -26.76 -41.70
C CYS C 149 10.66 -26.50 -43.20
N THR C 150 11.68 -25.73 -43.57
CA THR C 150 11.83 -25.24 -44.93
C THR C 150 13.24 -25.51 -45.46
N LEU C 151 13.30 -26.12 -46.64
CA LEU C 151 14.52 -26.23 -47.42
C LEU C 151 14.47 -25.20 -48.55
N ASN C 152 15.61 -24.59 -48.84
CA ASN C 152 15.72 -23.66 -49.95
C ASN C 152 17.02 -23.95 -50.69
N GLY C 153 17.17 -23.30 -51.84
CA GLY C 153 18.34 -23.53 -52.67
C GLY C 153 18.30 -24.83 -53.43
N LEU C 154 17.10 -25.30 -53.78
CA LEU C 154 16.93 -26.60 -54.43
C LEU C 154 16.68 -26.42 -55.92
N ARG C 155 17.37 -27.23 -56.73
CA ARG C 155 17.13 -27.25 -58.16
C ARG C 155 16.01 -28.21 -58.55
N ASN C 156 15.85 -29.31 -57.81
CA ASN C 156 14.84 -30.30 -58.12
C ASN C 156 13.58 -29.99 -57.30
N PRO C 157 12.46 -29.62 -57.92
CA PRO C 157 11.25 -29.35 -57.15
C PRO C 157 10.62 -30.64 -56.62
N GLU C 158 9.96 -30.52 -55.48
CA GLU C 158 9.28 -31.66 -54.86
C GLU C 158 10.26 -32.79 -54.61
N GLY C 159 9.75 -33.93 -54.14
CA GLY C 159 10.59 -35.09 -53.86
C GLY C 159 11.39 -35.00 -52.58
N ALA C 160 11.33 -33.89 -51.85
CA ALA C 160 12.03 -33.76 -50.60
C ALA C 160 11.21 -34.39 -49.47
N VAL C 161 11.90 -34.87 -48.43
CA VAL C 161 11.23 -35.51 -47.31
C VAL C 161 11.47 -34.68 -46.06
N PHE C 162 10.39 -34.36 -45.33
CA PHE C 162 10.44 -33.56 -44.12
C PHE C 162 9.82 -34.38 -42.99
N THR C 163 10.62 -34.74 -41.99
CA THR C 163 10.16 -35.55 -40.88
C THR C 163 10.40 -34.79 -39.57
N TRP C 164 9.34 -34.70 -38.77
CA TRP C 164 9.43 -34.09 -37.45
C TRP C 164 9.65 -35.17 -36.40
N GLU C 165 10.58 -34.90 -35.47
CA GLU C 165 10.83 -35.88 -34.41
C GLU C 165 9.65 -35.97 -33.45
N PRO C 166 9.14 -34.88 -32.88
CA PRO C 166 7.98 -35.00 -31.97
C PRO C 166 6.68 -35.27 -32.72
N SER C 167 6.58 -36.47 -33.28
CA SER C 167 5.44 -36.84 -34.11
C SER C 167 4.17 -36.96 -33.27
N THR C 168 3.69 -35.85 -32.73
CA THR C 168 2.44 -35.83 -31.97
C THR C 168 1.53 -34.74 -32.50
N GLY C 169 0.43 -34.46 -31.79
CA GLY C 169 -0.51 -33.46 -32.22
C GLY C 169 -1.18 -33.82 -33.54
N LYS C 170 -1.02 -32.96 -34.54
CA LYS C 170 -1.63 -33.17 -35.84
C LYS C 170 -0.54 -33.33 -36.90
N ASP C 171 -0.86 -34.12 -37.93
CA ASP C 171 0.11 -34.41 -38.97
C ASP C 171 0.54 -33.12 -39.68
N ALA C 172 1.82 -33.07 -40.05
CA ALA C 172 2.33 -31.92 -40.78
C ALA C 172 1.84 -31.94 -42.22
N VAL C 173 1.69 -30.74 -42.79
CA VAL C 173 1.15 -30.56 -44.14
C VAL C 173 2.30 -30.17 -45.06
N GLN C 174 2.52 -30.95 -46.11
CA GLN C 174 3.55 -30.66 -47.09
C GLN C 174 3.02 -29.66 -48.11
N LYS C 175 3.77 -28.60 -48.35
CA LYS C 175 3.36 -27.53 -49.25
C LYS C 175 4.07 -27.65 -50.59
N LYS C 176 3.52 -26.94 -51.57
CA LYS C 176 4.02 -27.00 -52.94
C LYS C 176 5.34 -26.26 -53.07
N ALA C 177 6.21 -26.77 -53.95
CA ALA C 177 7.48 -26.12 -54.21
C ALA C 177 7.28 -24.81 -54.94
N VAL C 178 8.04 -23.79 -54.54
CA VAL C 178 7.93 -22.44 -55.09
C VAL C 178 9.31 -21.94 -55.46
N GLN C 179 9.42 -21.32 -56.63
CA GLN C 179 10.69 -20.79 -57.10
C GLN C 179 10.99 -19.44 -56.45
N ASN C 180 12.26 -19.21 -56.15
CA ASN C 180 12.71 -17.93 -55.62
C ASN C 180 13.23 -17.08 -56.78
N SER C 181 13.88 -15.96 -56.44
CA SER C 181 14.34 -15.02 -57.46
C SER C 181 15.45 -15.61 -58.33
N CYS C 182 16.12 -16.67 -57.88
CA CYS C 182 17.18 -17.31 -58.64
C CYS C 182 16.72 -18.52 -59.43
N GLY C 183 15.43 -18.85 -59.38
CA GLY C 183 14.92 -20.04 -60.03
C GLY C 183 15.04 -21.31 -59.21
N CYS C 184 15.80 -21.30 -58.12
CA CYS C 184 15.80 -22.44 -57.21
C CYS C 184 14.48 -22.50 -56.46
N TYR C 185 14.23 -23.65 -55.83
CA TYR C 185 12.94 -23.94 -55.22
C TYR C 185 13.01 -23.88 -53.70
N SER C 186 11.88 -23.50 -53.09
CA SER C 186 11.69 -23.55 -51.66
C SER C 186 10.60 -24.59 -51.37
N VAL C 187 10.92 -25.57 -50.55
CA VAL C 187 10.02 -26.68 -50.24
C VAL C 187 9.93 -26.82 -48.73
N SER C 188 8.71 -26.88 -48.21
CA SER C 188 8.55 -26.86 -46.75
C SER C 188 7.32 -27.65 -46.33
N SER C 189 7.29 -27.98 -45.04
CA SER C 189 6.13 -28.61 -44.42
C SER C 189 5.89 -27.99 -43.06
N VAL C 190 4.62 -27.86 -42.69
CA VAL C 190 4.23 -27.16 -41.46
C VAL C 190 3.59 -28.16 -40.51
N LEU C 191 4.00 -28.08 -39.24
CA LEU C 191 3.45 -28.90 -38.18
C LEU C 191 2.52 -28.03 -37.34
N PRO C 192 1.22 -28.30 -37.35
CA PRO C 192 0.28 -27.52 -36.52
C PRO C 192 0.01 -28.16 -35.17
N GLY C 193 -0.74 -27.44 -34.34
CA GLY C 193 -1.12 -27.93 -33.03
C GLY C 193 0.03 -28.03 -32.06
N CYS C 194 0.93 -27.05 -32.07
CA CYS C 194 2.13 -27.08 -31.26
C CYS C 194 2.17 -25.99 -30.19
N ALA C 195 1.10 -25.21 -30.03
CA ALA C 195 1.10 -24.15 -29.05
C ALA C 195 1.25 -24.69 -27.64
N GLU C 196 0.62 -25.83 -27.34
CA GLU C 196 0.65 -26.39 -26.00
C GLU C 196 2.06 -26.79 -25.60
N ARG C 197 2.84 -27.32 -26.55
CA ARG C 197 4.22 -27.69 -26.25
C ARG C 197 5.08 -26.46 -26.01
N TRP C 198 4.88 -25.42 -26.82
CA TRP C 198 5.70 -24.21 -26.69
C TRP C 198 5.40 -23.49 -25.39
N ASN C 199 4.14 -23.47 -24.97
CA ASN C 199 3.78 -22.82 -23.70
C ASN C 199 4.50 -23.45 -22.51
N SER C 200 5.12 -24.61 -22.68
CA SER C 200 5.94 -25.23 -21.65
C SER C 200 7.43 -25.06 -21.92
N GLY C 201 7.80 -24.31 -22.96
CA GLY C 201 9.19 -24.16 -23.30
C GLY C 201 9.80 -25.37 -23.99
N ALA C 202 8.98 -26.16 -24.69
CA ALA C 202 9.45 -27.39 -25.30
C ALA C 202 10.27 -27.07 -26.55
N SER C 203 10.52 -28.09 -27.38
CA SER C 203 11.47 -27.98 -28.46
C SER C 203 11.03 -28.85 -29.62
N PHE C 204 11.53 -28.54 -30.82
CA PHE C 204 11.20 -29.27 -32.02
C PHE C 204 12.45 -29.48 -32.86
N LYS C 205 12.54 -30.64 -33.49
CA LYS C 205 13.64 -30.98 -34.39
C LYS C 205 13.06 -31.46 -35.72
N CYS C 206 13.70 -31.05 -36.81
CA CYS C 206 13.32 -31.47 -38.15
C CYS C 206 14.51 -32.11 -38.84
N THR C 207 14.27 -33.30 -39.40
CA THR C 207 15.24 -33.99 -40.25
C THR C 207 14.68 -34.04 -41.66
N VAL C 208 15.48 -33.63 -42.63
CA VAL C 208 15.03 -33.54 -44.01
C VAL C 208 16.02 -34.28 -44.92
N THR C 209 15.46 -34.92 -45.94
CA THR C 209 16.21 -35.49 -47.04
C THR C 209 16.01 -34.59 -48.25
N HIS C 210 17.12 -34.06 -48.75
CA HIS C 210 17.11 -33.20 -49.91
C HIS C 210 16.47 -33.93 -51.09
N PRO C 211 15.82 -33.20 -52.00
CA PRO C 211 15.34 -33.83 -53.24
C PRO C 211 16.46 -34.30 -54.14
N GLU C 212 17.72 -34.01 -53.81
CA GLU C 212 18.84 -34.42 -54.64
C GLU C 212 19.90 -35.20 -53.86
N SER C 213 20.45 -34.62 -52.79
CA SER C 213 21.69 -35.16 -52.23
C SER C 213 21.89 -34.71 -50.78
N GLY C 214 21.46 -35.54 -49.84
CA GLY C 214 21.99 -35.49 -48.50
C GLY C 214 21.00 -35.59 -47.36
N THR C 215 21.53 -35.52 -46.14
CA THR C 215 20.75 -35.64 -44.91
C THR C 215 21.04 -34.42 -44.04
N LEU C 216 20.01 -33.65 -43.71
CA LEU C 216 20.23 -32.38 -43.02
C LEU C 216 19.23 -32.22 -41.89
N THR C 217 19.67 -31.64 -40.78
CA THR C 217 18.83 -31.55 -39.59
C THR C 217 18.94 -30.18 -38.95
N GLY C 218 17.97 -29.87 -38.09
CA GLY C 218 18.02 -28.65 -37.31
C GLY C 218 16.96 -28.66 -36.23
N THR C 219 17.07 -27.69 -35.32
CA THR C 219 16.18 -27.61 -34.18
C THR C 219 15.78 -26.17 -33.89
N ILE C 220 14.64 -26.02 -33.22
CA ILE C 220 14.21 -24.76 -32.64
C ILE C 220 13.55 -25.03 -31.30
N ALA C 221 13.30 -23.95 -30.56
CA ALA C 221 12.55 -24.01 -29.32
C ALA C 221 12.15 -22.59 -28.94
N LYS C 222 11.19 -22.49 -28.02
CA LYS C 222 10.63 -21.22 -27.60
C LYS C 222 11.13 -20.84 -26.22
N VAL C 223 12.46 -20.80 -26.04
CA VAL C 223 13.06 -20.63 -24.73
C VAL C 223 14.40 -19.94 -24.87
N THR C 224 14.51 -18.67 -24.48
CA THR C 224 15.75 -17.92 -24.59
C THR C 224 16.46 -17.69 -23.26
N VAL C 225 15.73 -17.52 -22.16
CA VAL C 225 16.31 -17.52 -20.82
C VAL C 225 17.22 -16.31 -20.61
N ASN C 226 16.82 -15.16 -21.13
CA ASN C 226 17.49 -13.90 -20.80
C ASN C 226 16.62 -12.75 -21.28
N THR C 227 15.37 -12.74 -20.85
CA THR C 227 14.34 -11.86 -21.38
C THR C 227 14.11 -10.67 -20.43
N PHE C 228 13.47 -9.64 -20.98
CA PHE C 228 13.15 -8.43 -20.25
C PHE C 228 11.72 -8.03 -20.55
N PRO C 229 10.79 -8.17 -19.60
CA PRO C 229 9.40 -7.80 -19.87
C PRO C 229 9.30 -6.38 -20.39
N PRO C 230 8.33 -6.09 -21.24
CA PRO C 230 8.28 -4.79 -21.89
C PRO C 230 7.88 -3.66 -20.94
N GLN C 231 8.32 -2.46 -21.29
CA GLN C 231 7.86 -1.23 -20.66
C GLN C 231 7.19 -0.40 -21.74
N VAL C 232 5.89 -0.18 -21.59
CA VAL C 232 5.08 0.52 -22.58
C VAL C 232 4.90 1.95 -22.10
N HIS C 233 5.37 2.91 -22.90
CA HIS C 233 5.19 4.32 -22.61
C HIS C 233 4.38 4.97 -23.71
N LEU C 234 3.49 5.88 -23.34
CA LEU C 234 2.69 6.61 -24.30
C LEU C 234 3.07 8.09 -24.27
N LEU C 235 3.22 8.67 -25.44
CA LEU C 235 3.58 10.06 -25.60
C LEU C 235 2.40 10.79 -26.22
N PRO C 236 1.77 11.71 -25.46
CA PRO C 236 0.62 12.46 -25.98
C PRO C 236 1.02 13.34 -27.15
N PRO C 237 0.05 14.00 -27.78
CA PRO C 237 0.35 14.77 -28.98
C PRO C 237 1.26 15.94 -28.68
N PRO C 238 2.08 16.37 -29.65
CA PRO C 238 2.82 17.62 -29.48
C PRO C 238 1.89 18.81 -29.42
N SER C 239 2.33 19.85 -28.72
CA SER C 239 1.56 21.09 -28.69
C SER C 239 1.41 21.67 -30.09
N GLU C 240 2.43 21.50 -30.94
CA GLU C 240 2.38 22.04 -32.29
C GLU C 240 1.30 21.38 -33.14
N GLU C 241 0.87 20.18 -32.77
CA GLU C 241 -0.08 19.42 -33.57
C GLU C 241 -1.48 19.37 -32.94
N LEU C 242 -1.65 19.86 -31.71
CA LEU C 242 -2.96 19.91 -31.08
C LEU C 242 -3.51 21.33 -30.96
N ALA C 243 -2.66 22.36 -31.02
CA ALA C 243 -3.14 23.73 -30.97
C ALA C 243 -3.95 24.09 -32.21
N LEU C 244 -3.81 23.35 -33.30
CA LEU C 244 -4.50 23.65 -34.55
C LEU C 244 -5.86 22.97 -34.65
N ASN C 245 -6.19 22.05 -33.74
CA ASN C 245 -7.47 21.33 -33.78
C ASN C 245 -7.63 20.57 -35.09
N GLU C 246 -6.53 20.01 -35.59
CA GLU C 246 -6.55 19.22 -36.82
C GLU C 246 -6.49 17.73 -36.49
N LEU C 247 -5.33 17.11 -36.70
CA LEU C 247 -5.11 15.72 -36.35
C LEU C 247 -3.94 15.63 -35.37
N LEU C 248 -3.94 14.56 -34.58
CA LEU C 248 -2.98 14.32 -33.51
C LEU C 248 -2.23 13.03 -33.76
N SER C 249 -1.01 12.96 -33.25
CA SER C 249 -0.19 11.75 -33.30
C SER C 249 0.00 11.24 -31.87
N LEU C 250 -0.55 10.06 -31.59
CA LEU C 250 -0.30 9.40 -30.32
C LEU C 250 0.81 8.38 -30.55
N THR C 251 1.91 8.52 -29.81
CA THR C 251 3.07 7.65 -30.05
C THR C 251 3.21 6.65 -28.92
N CYS C 252 3.24 5.37 -29.27
CA CYS C 252 3.43 4.28 -28.33
C CYS C 252 4.84 3.75 -28.49
N LEU C 253 5.62 3.78 -27.42
CA LEU C 253 7.02 3.39 -27.41
C LEU C 253 7.13 2.20 -26.45
N VAL C 254 7.21 1.00 -27.01
CA VAL C 254 7.44 -0.19 -26.20
C VAL C 254 8.95 -0.47 -26.19
N ARG C 255 9.49 -0.73 -25.01
CA ARG C 255 10.92 -0.77 -24.81
C ARG C 255 11.30 -2.02 -24.03
N ALA C 256 12.35 -2.70 -24.51
CA ALA C 256 12.90 -3.90 -23.88
C ALA C 256 12.04 -5.12 -24.15
N PHE C 257 12.55 -6.02 -24.99
CA PHE C 257 11.97 -7.33 -25.27
C PHE C 257 13.06 -8.11 -26.00
N ASN C 258 13.50 -9.24 -25.47
CA ASN C 258 14.69 -9.85 -26.06
C ASN C 258 14.38 -10.69 -27.31
N PRO C 259 13.28 -11.49 -27.34
CA PRO C 259 12.88 -12.14 -28.59
C PRO C 259 12.17 -11.14 -29.47
N LYS C 260 12.78 -10.79 -30.58
CA LYS C 260 12.35 -9.59 -31.30
C LYS C 260 11.13 -9.91 -32.16
N GLU C 261 9.96 -9.61 -31.61
CA GLU C 261 8.68 -9.61 -32.33
C GLU C 261 7.59 -9.10 -31.40
N VAL C 262 6.76 -8.18 -31.88
CA VAL C 262 5.79 -7.50 -31.03
C VAL C 262 4.43 -7.49 -31.72
N LEU C 263 3.38 -7.65 -30.92
CA LEU C 263 2.00 -7.47 -31.37
C LEU C 263 1.52 -6.14 -30.85
N VAL C 264 1.28 -5.19 -31.76
CA VAL C 264 0.83 -3.85 -31.38
C VAL C 264 -0.56 -3.63 -31.97
N ARG C 265 -1.52 -3.32 -31.10
CA ARG C 265 -2.85 -2.91 -31.51
C ARG C 265 -3.20 -1.62 -30.78
N TRP C 266 -4.23 -0.94 -31.26
CA TRP C 266 -4.74 0.25 -30.59
C TRP C 266 -6.23 0.12 -30.36
N LEU C 267 -6.70 0.71 -29.26
CA LEU C 267 -8.11 0.72 -28.91
C LEU C 267 -8.62 2.15 -28.84
N HIS C 268 -9.85 2.33 -29.34
CA HIS C 268 -10.60 3.58 -29.32
C HIS C 268 -11.82 3.33 -28.47
N GLY C 269 -11.82 3.85 -27.24
CA GLY C 269 -12.84 3.50 -26.27
C GLY C 269 -12.69 2.06 -25.82
N ASN C 270 -13.69 1.22 -26.12
CA ASN C 270 -13.64 -0.19 -25.81
C ASN C 270 -13.64 -1.07 -27.06
N GLU C 271 -13.33 -0.49 -28.21
CA GLU C 271 -13.32 -1.21 -29.47
C GLU C 271 -11.94 -1.13 -30.12
N GLU C 272 -11.61 -2.17 -30.88
CA GLU C 272 -10.32 -2.23 -31.55
C GLU C 272 -10.35 -1.44 -32.85
N LEU C 273 -9.24 -0.78 -33.16
CA LEU C 273 -9.11 -0.03 -34.40
C LEU C 273 -8.52 -0.91 -35.49
N SER C 274 -8.91 -0.63 -36.73
CA SER C 274 -8.45 -1.44 -37.85
C SER C 274 -6.94 -1.31 -38.00
N PRO C 275 -6.24 -2.39 -38.34
CA PRO C 275 -4.77 -2.31 -38.44
C PRO C 275 -4.27 -1.36 -39.52
N GLU C 276 -5.09 -1.07 -40.54
CA GLU C 276 -4.66 -0.18 -41.60
C GLU C 276 -4.43 1.24 -41.09
N SER C 277 -4.91 1.57 -39.89
CA SER C 277 -4.77 2.90 -39.33
C SER C 277 -3.50 3.08 -38.49
N TYR C 278 -2.77 2.01 -38.23
CA TYR C 278 -1.55 2.09 -37.42
C TYR C 278 -0.33 2.21 -38.31
N LEU C 279 0.69 2.90 -37.83
CA LEU C 279 2.03 2.75 -38.39
C LEU C 279 2.90 2.13 -37.30
N VAL C 280 3.16 0.83 -37.42
CA VAL C 280 3.95 0.06 -36.47
C VAL C 280 5.32 -0.18 -37.09
N PHE C 281 6.37 0.30 -36.42
CA PHE C 281 7.71 0.25 -36.95
C PHE C 281 8.45 -0.98 -36.41
N GLU C 282 9.22 -1.62 -37.29
CA GLU C 282 9.84 -2.89 -36.94
C GLU C 282 10.84 -2.72 -35.81
N PRO C 283 11.09 -3.77 -35.03
CA PRO C 283 12.00 -3.67 -33.89
C PRO C 283 13.45 -3.47 -34.34
N LEU C 284 14.18 -2.67 -33.55
CA LEU C 284 15.59 -2.41 -33.80
C LEU C 284 16.37 -2.60 -32.51
N LYS C 285 17.56 -3.20 -32.63
CA LYS C 285 18.42 -3.40 -31.48
C LYS C 285 18.85 -2.06 -30.90
N GLU C 286 18.81 -1.95 -29.57
CA GLU C 286 19.21 -0.71 -28.92
C GLU C 286 20.73 -0.63 -28.82
N PRO C 287 21.30 0.56 -28.93
CA PRO C 287 22.76 0.71 -28.82
C PRO C 287 23.21 0.62 -27.37
N GLY C 288 24.52 0.44 -27.21
CA GLY C 288 25.16 0.47 -25.91
C GLY C 288 25.64 -0.90 -25.47
N GLU C 289 26.11 -0.95 -24.24
CA GLU C 289 26.64 -2.16 -23.63
C GLU C 289 25.60 -2.81 -22.72
N GLY C 290 25.88 -4.05 -22.35
CA GLY C 290 25.01 -4.79 -21.46
C GLY C 290 24.09 -5.76 -22.20
N ALA C 291 23.01 -6.13 -21.52
CA ALA C 291 22.04 -7.04 -22.10
C ALA C 291 21.39 -6.40 -23.33
N THR C 292 21.10 -7.23 -24.32
CA THR C 292 20.50 -6.75 -25.56
C THR C 292 19.03 -6.43 -25.34
N THR C 293 18.63 -5.23 -25.78
CA THR C 293 17.23 -4.83 -25.76
C THR C 293 16.92 -4.12 -27.07
N TYR C 294 15.63 -3.96 -27.35
CA TYR C 294 15.19 -3.37 -28.61
C TYR C 294 13.99 -2.47 -28.37
N LEU C 295 13.81 -1.51 -29.27
CA LEU C 295 12.69 -0.57 -29.24
C LEU C 295 11.71 -0.91 -30.35
N VAL C 296 10.43 -0.71 -30.08
CA VAL C 296 9.43 -0.63 -31.14
C VAL C 296 8.57 0.59 -30.88
N THR C 297 8.16 1.24 -31.95
CA THR C 297 7.29 2.40 -31.88
C THR C 297 6.10 2.19 -32.80
N SER C 298 5.00 2.84 -32.46
CA SER C 298 3.87 2.88 -33.36
C SER C 298 3.18 4.23 -33.19
N VAL C 299 2.67 4.76 -34.28
CA VAL C 299 1.95 6.02 -34.25
C VAL C 299 0.51 5.75 -34.69
N LEU C 300 -0.43 6.25 -33.89
CA LEU C 300 -1.84 6.27 -34.22
C LEU C 300 -2.24 7.70 -34.55
N ARG C 301 -2.87 7.86 -35.71
CA ARG C 301 -3.37 9.16 -36.16
C ARG C 301 -4.80 9.32 -35.65
N VAL C 302 -5.03 10.34 -34.83
CA VAL C 302 -6.27 10.52 -34.10
C VAL C 302 -6.87 11.86 -34.48
N SER C 303 -8.19 11.90 -34.68
CA SER C 303 -8.83 13.18 -34.95
C SER C 303 -8.83 14.04 -33.68
N ALA C 304 -8.43 15.30 -33.81
CA ALA C 304 -8.44 16.20 -32.66
C ALA C 304 -9.85 16.40 -32.12
N GLU C 305 -10.88 16.09 -32.92
CA GLU C 305 -12.25 16.27 -32.46
C GLU C 305 -12.61 15.30 -31.35
N THR C 306 -12.26 14.02 -31.53
CA THR C 306 -12.57 13.02 -30.52
C THR C 306 -11.65 13.14 -29.31
N TRP C 307 -10.41 13.60 -29.53
CA TRP C 307 -9.54 13.96 -28.40
C TRP C 307 -10.16 15.09 -27.60
N LYS C 308 -10.71 16.09 -28.29
CA LYS C 308 -11.39 17.18 -27.61
C LYS C 308 -12.60 16.67 -26.83
N GLN C 309 -13.37 15.76 -27.41
CA GLN C 309 -14.53 15.21 -26.72
C GLN C 309 -14.15 14.37 -25.51
N GLY C 310 -12.95 13.82 -25.49
CA GLY C 310 -12.50 13.01 -24.37
C GLY C 310 -12.43 11.53 -24.63
N ASP C 311 -12.54 11.08 -25.87
CA ASP C 311 -12.39 9.67 -26.18
C ASP C 311 -11.01 9.18 -25.76
N GLN C 312 -10.97 8.00 -25.16
CA GLN C 312 -9.73 7.42 -24.66
C GLN C 312 -9.09 6.55 -25.72
N TYR C 313 -7.77 6.64 -25.85
CA TYR C 313 -7.05 5.79 -26.80
C TYR C 313 -5.96 5.03 -26.07
N SER C 314 -5.74 3.78 -26.46
CA SER C 314 -4.79 2.95 -25.73
C SER C 314 -3.97 2.09 -26.68
N CYS C 315 -2.74 1.82 -26.24
CA CYS C 315 -1.81 0.94 -26.93
C CYS C 315 -1.77 -0.41 -26.23
N MET C 316 -1.95 -1.48 -27.01
CA MET C 316 -1.95 -2.85 -26.53
C MET C 316 -0.75 -3.56 -27.13
N VAL C 317 0.05 -4.20 -26.28
CA VAL C 317 1.29 -4.84 -26.71
C VAL C 317 1.34 -6.26 -26.19
N GLY C 318 1.82 -7.16 -27.04
CA GLY C 318 2.04 -8.54 -26.66
C GLY C 318 3.51 -8.90 -26.70
N HIS C 319 3.89 -9.86 -25.86
CA HIS C 319 5.26 -10.35 -25.76
C HIS C 319 5.27 -11.51 -24.79
N GLU C 320 5.93 -12.61 -25.13
CA GLU C 320 5.72 -13.83 -24.35
C GLU C 320 6.33 -13.73 -22.96
N ALA C 321 7.56 -13.23 -22.85
CA ALA C 321 8.17 -13.07 -21.54
C ALA C 321 7.46 -11.95 -20.77
N LEU C 322 6.21 -12.18 -20.40
CA LEU C 322 5.37 -11.18 -19.74
C LEU C 322 4.14 -11.88 -19.17
N PRO C 323 3.71 -11.54 -17.96
CA PRO C 323 2.58 -12.26 -17.34
C PRO C 323 1.24 -11.80 -17.88
N MET C 324 0.18 -12.45 -17.37
CA MET C 324 -1.21 -12.18 -17.74
C MET C 324 -1.33 -11.79 -19.21
N ASN C 325 -0.70 -12.56 -20.08
CA ASN C 325 -0.72 -12.31 -21.52
C ASN C 325 -0.25 -10.90 -21.85
N PHE C 326 -1.17 -10.02 -22.29
CA PHE C 326 -0.76 -8.76 -22.89
C PHE C 326 -0.66 -7.63 -21.87
N THR C 327 -0.17 -6.49 -22.34
CA THR C 327 -0.03 -5.27 -21.56
C THR C 327 -0.67 -4.11 -22.31
N GLN C 328 -1.10 -3.08 -21.59
CA GLN C 328 -1.73 -1.95 -22.25
C GLN C 328 -1.48 -0.67 -21.46
N LYS C 329 -1.57 0.45 -22.17
CA LYS C 329 -1.57 1.77 -21.55
C LYS C 329 -2.57 2.66 -22.26
N THR C 330 -3.22 3.55 -21.50
CA THR C 330 -4.29 4.40 -22.02
C THR C 330 -3.98 5.86 -21.75
N ILE C 331 -4.31 6.73 -22.71
CA ILE C 331 -4.18 8.17 -22.54
C ILE C 331 -5.41 8.86 -23.13
N ASP C 332 -5.62 10.08 -22.64
CA ASP C 332 -6.70 10.97 -23.06
C ASP C 332 -6.28 12.40 -22.74
N ARG C 333 -7.19 13.35 -22.97
CA ARG C 333 -6.92 14.74 -22.61
C ARG C 333 -7.34 15.03 -21.17
N LEU C 334 -6.81 14.22 -20.27
CA LEU C 334 -6.95 14.39 -18.83
C LEU C 334 -5.68 13.88 -18.18
N SER C 335 -5.24 12.70 -18.60
CA SER C 335 -3.94 12.18 -18.21
C SER C 335 -2.82 13.05 -18.77
N GLY C 336 -3.02 13.64 -19.95
CA GLY C 336 -2.01 14.46 -20.58
C GLY C 336 -1.53 15.61 -19.73
N LYS C 337 -0.72 16.50 -20.30
CA LYS C 337 -0.12 17.55 -19.50
C LYS C 337 -1.19 18.53 -19.03
N PRO C 338 -1.29 18.81 -17.74
CA PRO C 338 -2.26 19.78 -17.24
C PRO C 338 -1.72 21.20 -17.34
N THR C 339 -2.55 22.15 -16.93
CA THR C 339 -2.18 23.56 -16.87
C THR C 339 -2.59 24.14 -15.53
N ASN C 340 -1.63 24.76 -14.84
CA ASN C 340 -1.89 25.43 -13.55
C ASN C 340 -2.46 24.45 -12.54
N VAL C 341 -1.69 23.39 -12.26
CA VAL C 341 -2.16 22.33 -11.37
C VAL C 341 -2.34 22.88 -9.97
N SER C 342 -3.38 22.39 -9.29
CA SER C 342 -3.66 22.74 -7.91
C SER C 342 -3.25 21.61 -6.99
N VAL C 343 -2.40 21.91 -6.01
CA VAL C 343 -1.89 20.93 -5.07
C VAL C 343 -2.29 21.34 -3.66
N SER C 344 -2.91 20.42 -2.94
CA SER C 344 -3.37 20.66 -1.56
C SER C 344 -2.80 19.57 -0.67
N VAL C 345 -1.91 19.95 0.24
CA VAL C 345 -1.27 19.02 1.17
C VAL C 345 -1.98 19.12 2.51
N ILE C 346 -2.43 17.97 3.03
CA ILE C 346 -3.14 17.89 4.29
C ILE C 346 -2.32 17.04 5.25
N MET C 347 -2.01 17.60 6.41
CA MET C 347 -1.30 16.86 7.45
C MET C 347 -2.31 16.10 8.30
N SER C 348 -1.99 14.84 8.59
CA SER C 348 -2.94 13.93 9.21
C SER C 348 -2.36 13.33 10.50
N GLU C 349 -3.26 12.86 11.34
CA GLU C 349 -2.87 12.18 12.58
C GLU C 349 -3.64 10.87 12.72
N GLY C 350 -4.61 10.83 13.62
CA GLY C 350 -5.37 9.61 13.83
C GLY C 350 -4.46 8.44 14.13
N ASP C 351 -4.75 7.30 13.51
CA ASP C 351 -3.93 6.10 13.61
C ASP C 351 -2.98 5.98 12.43
N GLY C 352 -2.92 6.97 11.55
CA GLY C 352 -2.15 6.85 10.33
C GLY C 352 -2.79 5.95 9.31
N ILE C 353 -4.11 5.78 9.35
CA ILE C 353 -4.84 4.89 8.47
C ILE C 353 -5.59 5.74 7.45
N CYS C 354 -5.51 5.33 6.18
CA CYS C 354 -6.13 6.05 5.08
C CYS C 354 -7.54 5.52 4.86
N TYR C 355 -8.54 6.35 5.10
CA TYR C 355 -9.92 6.00 4.79
C TYR C 355 -10.64 7.17 4.12
N CYS D 125 17.51 -14.87 -64.57
CA CYS D 125 18.59 -13.95 -64.88
C CYS D 125 18.29 -13.16 -66.15
N GLN D 126 17.25 -12.36 -66.08
CA GLN D 126 16.79 -11.60 -67.24
C GLN D 126 17.38 -10.20 -67.23
N PRO D 127 17.63 -9.63 -68.40
CA PRO D 127 18.26 -8.31 -68.48
C PRO D 127 17.33 -7.19 -68.03
N SER D 128 17.93 -6.13 -67.51
CA SER D 128 17.18 -4.94 -67.13
C SER D 128 18.17 -3.82 -66.81
N LEU D 129 17.65 -2.60 -66.85
CA LEU D 129 18.43 -1.40 -66.56
C LEU D 129 17.62 -0.52 -65.62
N SER D 130 18.26 0.02 -64.60
CA SER D 130 17.59 0.97 -63.72
C SER D 130 18.56 2.06 -63.29
N LEU D 131 18.03 3.14 -62.74
CA LEU D 131 18.83 4.25 -62.28
C LEU D 131 18.55 4.52 -60.80
N GLN D 132 19.62 4.72 -60.04
CA GLN D 132 19.56 4.93 -58.60
C GLN D 132 20.03 6.35 -58.30
N ARG D 133 19.16 7.13 -57.67
CA ARG D 133 19.44 8.50 -57.30
C ARG D 133 20.55 8.56 -56.26
N PRO D 134 21.25 9.69 -56.17
CA PRO D 134 22.26 9.83 -55.11
C PRO D 134 21.61 9.80 -53.74
N ALA D 135 22.39 9.36 -52.75
CA ALA D 135 21.92 9.40 -51.37
C ALA D 135 21.69 10.85 -50.95
N LEU D 136 20.65 11.06 -50.14
CA LEU D 136 20.43 12.40 -49.61
C LEU D 136 21.67 12.93 -48.90
N GLU D 137 22.41 12.04 -48.23
CA GLU D 137 23.68 12.44 -47.62
C GLU D 137 24.62 13.06 -48.64
N ASP D 138 24.48 12.71 -49.91
CA ASP D 138 25.35 13.23 -50.96
C ASP D 138 24.93 14.61 -51.46
N LEU D 139 23.75 15.10 -51.08
CA LEU D 139 23.25 16.35 -51.60
C LEU D 139 22.97 17.40 -50.53
N LEU D 140 23.13 17.06 -49.26
CA LEU D 140 22.96 18.01 -48.16
C LEU D 140 24.20 18.16 -47.30
N LEU D 141 24.91 17.06 -47.03
CA LEU D 141 26.14 17.09 -46.23
C LEU D 141 27.33 17.35 -47.15
N GLY D 142 27.35 18.55 -47.72
CA GLY D 142 28.25 18.84 -48.81
C GLY D 142 27.72 18.25 -50.09
N SER D 143 28.50 18.40 -51.16
CA SER D 143 28.11 17.96 -52.49
C SER D 143 29.11 16.93 -53.00
N ASP D 144 28.66 15.69 -53.12
CA ASP D 144 29.45 14.63 -53.73
C ASP D 144 28.48 13.62 -54.36
N ALA D 145 27.57 14.12 -55.18
CA ALA D 145 26.45 13.34 -55.68
C ALA D 145 26.76 12.71 -57.03
N SER D 146 26.22 11.51 -57.22
CA SER D 146 26.35 10.79 -58.48
C SER D 146 25.11 9.93 -58.66
N ILE D 147 24.83 9.55 -59.90
CA ILE D 147 23.73 8.64 -60.22
C ILE D 147 24.32 7.31 -60.63
N THR D 148 23.75 6.22 -60.11
CA THR D 148 24.24 4.88 -60.42
C THR D 148 23.26 4.18 -61.35
N CYS D 149 23.67 3.98 -62.60
CA CYS D 149 22.93 3.18 -63.56
C CYS D 149 23.32 1.72 -63.38
N THR D 150 22.35 0.89 -63.02
CA THR D 150 22.57 -0.52 -62.77
C THR D 150 22.18 -1.32 -64.01
N LEU D 151 23.13 -2.16 -64.46
CA LEU D 151 22.95 -3.05 -65.61
C LEU D 151 22.88 -4.47 -65.07
N ASN D 152 21.69 -5.09 -65.14
CA ASN D 152 21.44 -6.37 -64.51
C ASN D 152 21.25 -7.46 -65.56
N GLY D 153 21.14 -8.70 -65.06
CA GLY D 153 20.86 -9.84 -65.91
C GLY D 153 22.01 -10.28 -66.77
N LEU D 154 23.24 -10.19 -66.25
CA LEU D 154 24.43 -10.56 -67.00
C LEU D 154 24.85 -11.97 -66.65
N ARG D 155 25.38 -12.69 -67.65
CA ARG D 155 26.05 -13.97 -67.43
C ARG D 155 27.55 -13.87 -67.67
N ASN D 156 28.08 -12.64 -67.77
CA ASN D 156 29.49 -12.38 -67.98
C ASN D 156 29.82 -11.00 -67.42
N PRO D 157 30.77 -10.88 -66.50
CA PRO D 157 31.02 -9.57 -65.88
C PRO D 157 31.51 -8.51 -66.86
N GLU D 158 32.25 -8.91 -67.90
CA GLU D 158 32.62 -7.96 -68.93
C GLU D 158 31.38 -7.20 -69.42
N GLY D 159 30.25 -7.87 -69.50
CA GLY D 159 28.97 -7.21 -69.65
C GLY D 159 28.81 -6.44 -70.93
N ALA D 160 28.70 -5.12 -70.82
CA ALA D 160 28.34 -4.28 -71.96
C ALA D 160 28.94 -2.90 -71.78
N VAL D 161 29.14 -2.22 -72.91
CA VAL D 161 29.52 -0.82 -72.92
C VAL D 161 28.27 0.03 -72.90
N PHE D 162 28.24 1.02 -72.01
CA PHE D 162 27.09 1.88 -71.82
C PHE D 162 27.48 3.32 -72.14
N THR D 163 26.47 4.16 -72.37
CA THR D 163 26.69 5.57 -72.66
C THR D 163 25.93 6.45 -71.65
N TRP D 164 26.07 7.76 -71.83
CA TRP D 164 25.62 8.75 -70.86
C TRP D 164 24.89 9.88 -71.58
N GLU D 165 23.95 10.52 -70.86
CA GLU D 165 23.38 11.80 -71.30
C GLU D 165 22.80 12.60 -70.14
N PRO D 166 23.57 12.89 -69.09
CA PRO D 166 23.12 13.85 -68.06
C PRO D 166 23.63 15.27 -68.32
N SER D 167 22.99 15.98 -69.24
CA SER D 167 23.61 17.20 -69.74
C SER D 167 24.95 16.81 -70.38
N THR D 168 26.08 17.23 -69.83
CA THR D 168 27.37 16.77 -70.30
C THR D 168 28.32 16.61 -69.13
N GLY D 169 29.57 16.25 -69.42
CA GLY D 169 30.56 16.00 -68.39
C GLY D 169 31.13 14.59 -68.46
N LYS D 170 32.31 14.46 -69.07
CA LYS D 170 32.92 13.15 -69.27
C LYS D 170 33.45 12.57 -67.96
N ASP D 171 32.63 11.79 -67.27
CA ASP D 171 33.05 11.15 -66.02
C ASP D 171 32.20 9.91 -65.81
N ALA D 172 32.80 8.74 -65.94
CA ALA D 172 32.10 7.47 -65.73
C ALA D 172 33.00 6.52 -64.96
N VAL D 173 32.39 5.72 -64.10
CA VAL D 173 33.10 4.63 -63.42
C VAL D 173 32.28 3.36 -63.56
N GLN D 174 32.90 2.29 -64.04
CA GLN D 174 32.21 1.03 -64.27
C GLN D 174 32.79 -0.04 -63.36
N LYS D 175 31.99 -0.51 -62.40
CA LYS D 175 32.36 -1.63 -61.55
C LYS D 175 31.69 -2.89 -62.07
N LYS D 176 32.50 -3.88 -62.44
CA LYS D 176 32.04 -5.12 -63.05
C LYS D 176 31.96 -6.28 -62.08
N ALA D 177 32.66 -6.22 -60.95
CA ALA D 177 32.77 -7.36 -60.03
C ALA D 177 31.63 -7.30 -59.02
N VAL D 178 30.44 -7.67 -59.49
CA VAL D 178 29.25 -7.73 -58.65
C VAL D 178 28.43 -8.95 -59.07
N GLN D 179 28.03 -9.75 -58.09
CA GLN D 179 27.23 -10.95 -58.36
C GLN D 179 26.15 -11.09 -57.30
N ASN D 180 25.04 -11.68 -57.72
CA ASN D 180 23.95 -12.03 -56.81
C ASN D 180 24.16 -13.45 -56.27
N SER D 181 23.31 -13.84 -55.33
CA SER D 181 23.32 -15.22 -54.87
C SER D 181 22.94 -16.18 -55.99
N CYS D 182 22.22 -15.70 -57.01
CA CYS D 182 21.91 -16.49 -58.19
C CYS D 182 23.15 -16.80 -59.02
N GLY D 183 24.28 -16.18 -58.72
CA GLY D 183 25.47 -16.32 -59.54
C GLY D 183 25.51 -15.43 -60.75
N CYS D 184 24.47 -14.65 -61.00
CA CYS D 184 24.41 -13.80 -62.17
C CYS D 184 24.96 -12.41 -61.85
N TYR D 185 25.36 -11.70 -62.91
CA TYR D 185 26.24 -10.55 -62.79
C TYR D 185 25.46 -9.25 -62.93
N SER D 186 26.02 -8.20 -62.32
CA SER D 186 25.49 -6.85 -62.41
C SER D 186 26.65 -5.89 -62.52
N VAL D 187 26.43 -4.77 -63.20
CA VAL D 187 27.45 -3.75 -63.38
C VAL D 187 26.92 -2.43 -62.85
N SER D 188 27.72 -1.77 -62.01
CA SER D 188 27.37 -0.49 -61.42
C SER D 188 28.10 0.61 -62.19
N SER D 189 27.33 1.49 -62.84
CA SER D 189 27.87 2.56 -63.67
C SER D 189 27.60 3.88 -62.96
N VAL D 190 28.67 4.56 -62.54
CA VAL D 190 28.56 5.75 -61.69
C VAL D 190 28.84 6.98 -62.53
N LEU D 191 27.92 7.93 -62.48
CA LEU D 191 28.06 9.22 -63.13
C LEU D 191 28.17 10.30 -62.05
N PRO D 192 29.34 10.85 -61.80
CA PRO D 192 29.46 11.96 -60.86
C PRO D 192 28.99 13.29 -61.47
N GLY D 193 28.75 14.25 -60.58
CA GLY D 193 28.39 15.58 -61.00
C GLY D 193 26.92 15.82 -61.25
N CYS D 194 26.04 15.16 -60.49
CA CYS D 194 24.60 15.21 -60.74
C CYS D 194 23.85 16.15 -59.81
N ALA D 195 24.50 16.68 -58.77
CA ALA D 195 23.77 17.44 -57.74
C ALA D 195 22.99 18.61 -58.34
N GLU D 196 23.64 19.36 -59.23
CA GLU D 196 23.03 20.60 -59.71
C GLU D 196 21.70 20.34 -60.39
N ARG D 197 21.60 19.25 -61.16
CA ARG D 197 20.36 18.94 -61.86
C ARG D 197 19.29 18.36 -60.95
N TRP D 198 19.68 17.78 -59.80
CA TRP D 198 18.69 17.43 -58.79
C TRP D 198 18.15 18.70 -58.12
N ASN D 199 19.01 19.68 -57.89
CA ASN D 199 18.56 20.95 -57.32
C ASN D 199 17.66 21.69 -58.31
N SER D 200 17.91 21.55 -59.60
CA SER D 200 17.05 22.18 -60.60
C SER D 200 15.79 21.37 -60.89
N GLY D 201 15.79 20.07 -60.58
CA GLY D 201 14.67 19.22 -60.91
C GLY D 201 14.71 18.68 -62.32
N ALA D 202 15.90 18.58 -62.91
CA ALA D 202 16.05 18.12 -64.29
C ALA D 202 16.25 16.60 -64.33
N SER D 203 16.15 16.06 -65.54
CA SER D 203 16.18 14.61 -65.75
C SER D 203 17.57 14.14 -66.19
N PHE D 204 17.77 12.83 -66.10
CA PHE D 204 18.99 12.15 -66.51
C PHE D 204 18.60 10.88 -67.23
N LYS D 205 19.48 10.40 -68.10
CA LYS D 205 19.21 9.23 -68.93
C LYS D 205 20.41 8.31 -68.94
N CYS D 206 20.15 7.02 -69.14
CA CYS D 206 21.20 6.00 -69.25
C CYS D 206 20.77 4.95 -70.25
N THR D 207 21.75 4.48 -71.02
CA THR D 207 21.54 3.51 -72.09
C THR D 207 22.72 2.55 -72.15
N VAL D 208 22.44 1.29 -72.48
CA VAL D 208 23.46 0.26 -72.63
C VAL D 208 23.02 -0.68 -73.74
N THR D 209 23.98 -1.40 -74.32
CA THR D 209 23.69 -2.43 -75.31
C THR D 209 24.52 -3.67 -74.99
N HIS D 210 23.84 -4.77 -74.71
CA HIS D 210 24.42 -6.02 -74.25
C HIS D 210 24.44 -7.08 -75.34
N PRO D 211 25.46 -7.94 -75.37
CA PRO D 211 25.38 -9.17 -76.18
C PRO D 211 24.32 -10.13 -75.67
N GLU D 212 23.81 -9.92 -74.45
CA GLU D 212 22.82 -10.79 -73.84
C GLU D 212 21.38 -10.33 -74.07
N SER D 213 21.17 -9.10 -74.52
CA SER D 213 19.82 -8.55 -74.49
C SER D 213 19.55 -7.45 -75.52
N GLY D 214 20.58 -6.93 -76.18
CA GLY D 214 20.38 -5.75 -76.99
C GLY D 214 20.38 -4.49 -76.13
N THR D 215 19.63 -3.49 -76.56
CA THR D 215 19.68 -2.18 -75.92
C THR D 215 18.67 -2.08 -74.78
N LEU D 216 19.15 -1.63 -73.63
CA LEU D 216 18.34 -1.30 -72.47
C LEU D 216 18.47 0.19 -72.18
N THR D 217 17.37 0.84 -71.82
CA THR D 217 17.34 2.27 -71.61
C THR D 217 16.52 2.61 -70.37
N GLY D 218 16.80 3.78 -69.80
CA GLY D 218 15.99 4.27 -68.70
C GLY D 218 16.37 5.69 -68.35
N THR D 219 15.52 6.31 -67.54
CA THR D 219 15.75 7.68 -67.10
C THR D 219 15.44 7.80 -65.62
N ILE D 220 15.83 8.94 -65.05
CA ILE D 220 15.55 9.26 -63.65
C ILE D 220 15.41 10.77 -63.54
N ALA D 221 14.66 11.22 -62.54
CA ALA D 221 14.48 12.65 -62.36
C ALA D 221 13.94 12.90 -60.95
N LYS D 222 14.14 14.13 -60.48
CA LYS D 222 13.58 14.51 -59.19
C LYS D 222 12.08 14.68 -59.31
N VAL D 223 11.37 14.21 -58.29
CA VAL D 223 9.90 14.29 -58.25
C VAL D 223 9.51 15.52 -57.47
N THR D 224 8.67 16.36 -58.07
CA THR D 224 8.21 17.59 -57.45
C THR D 224 6.70 17.66 -57.27
N VAL D 225 5.95 16.77 -57.91
CA VAL D 225 4.49 16.91 -57.94
C VAL D 225 3.89 16.66 -56.55
N ASN D 226 4.41 15.66 -55.84
CA ASN D 226 3.94 15.34 -54.50
C ASN D 226 5.01 15.61 -53.44
N THR D 227 5.80 16.65 -53.66
CA THR D 227 6.88 17.02 -52.76
C THR D 227 6.43 18.21 -51.92
N PHE D 228 6.41 18.03 -50.60
CA PHE D 228 5.93 19.03 -49.65
C PHE D 228 6.95 19.21 -48.53
N PRO D 229 7.24 20.44 -48.13
CA PRO D 229 8.17 20.65 -47.00
C PRO D 229 7.74 19.85 -45.79
N PRO D 230 8.68 19.39 -44.98
CA PRO D 230 8.37 18.43 -43.91
C PRO D 230 7.70 19.08 -42.70
N GLN D 231 7.32 18.23 -41.75
CA GLN D 231 6.69 18.64 -40.50
C GLN D 231 7.30 17.79 -39.39
N VAL D 232 8.06 18.42 -38.49
CA VAL D 232 8.84 17.72 -37.48
C VAL D 232 8.36 18.18 -36.11
N HIS D 233 8.12 17.22 -35.22
CA HIS D 233 7.81 17.50 -33.84
C HIS D 233 8.64 16.60 -32.95
N LEU D 234 8.85 17.04 -31.71
CA LEU D 234 9.60 16.28 -30.73
C LEU D 234 8.72 15.96 -29.53
N LEU D 235 8.87 14.75 -29.00
CA LEU D 235 8.15 14.29 -27.84
C LEU D 235 9.12 14.19 -26.67
N PRO D 236 8.93 15.02 -25.64
CA PRO D 236 9.71 14.89 -24.42
C PRO D 236 9.60 13.50 -23.83
N PRO D 237 10.45 13.16 -22.86
CA PRO D 237 10.48 11.79 -22.36
C PRO D 237 9.23 11.47 -21.56
N PRO D 238 8.86 10.20 -21.47
CA PRO D 238 7.68 9.82 -20.68
C PRO D 238 7.93 10.02 -19.19
N SER D 239 6.83 9.92 -18.43
CA SER D 239 6.87 10.27 -17.01
C SER D 239 7.64 9.23 -16.20
N GLU D 240 7.39 7.94 -16.46
CA GLU D 240 8.02 6.88 -15.68
C GLU D 240 9.54 7.00 -15.73
N GLU D 241 10.10 7.37 -16.88
CA GLU D 241 11.54 7.49 -16.99
C GLU D 241 12.05 8.71 -16.22
N LEU D 242 11.22 9.73 -16.04
CA LEU D 242 11.64 10.90 -15.28
C LEU D 242 11.60 10.62 -13.78
N ALA D 243 10.62 9.83 -13.32
CA ALA D 243 10.61 9.44 -11.92
C ALA D 243 11.81 8.55 -11.59
N LEU D 244 12.24 7.73 -12.54
CA LEU D 244 13.38 6.85 -12.35
C LEU D 244 14.68 7.56 -12.73
N ASN D 245 15.79 6.91 -12.39
CA ASN D 245 17.11 7.41 -12.76
C ASN D 245 17.55 6.74 -14.06
N GLU D 246 18.70 6.05 -14.07
CA GLU D 246 19.19 5.34 -15.24
C GLU D 246 19.12 6.20 -16.50
N LEU D 247 18.12 5.99 -17.35
CA LEU D 247 18.09 6.63 -18.67
C LEU D 247 16.69 7.11 -18.99
N LEU D 248 16.60 7.82 -20.13
CA LEU D 248 15.34 8.38 -20.62
C LEU D 248 15.13 8.02 -22.08
N SER D 249 14.13 8.62 -22.72
CA SER D 249 13.83 8.34 -24.13
C SER D 249 13.23 9.58 -24.76
N LEU D 250 14.01 10.27 -25.60
CA LEU D 250 13.51 11.40 -26.37
C LEU D 250 13.11 10.92 -27.75
N THR D 251 11.91 11.28 -28.22
CA THR D 251 11.43 10.76 -29.50
C THR D 251 11.28 11.92 -30.49
N CYS D 252 11.79 11.72 -31.71
CA CYS D 252 11.67 12.68 -32.78
C CYS D 252 10.75 12.09 -33.84
N LEU D 253 9.64 12.78 -34.11
CA LEU D 253 8.61 12.35 -35.04
C LEU D 253 8.67 13.24 -36.28
N VAL D 254 8.80 12.61 -37.45
CA VAL D 254 9.00 13.34 -38.70
C VAL D 254 7.96 12.88 -39.71
N ARG D 255 7.28 13.84 -40.34
CA ARG D 255 6.33 13.59 -41.41
C ARG D 255 7.02 13.86 -42.75
N ALA D 256 6.94 12.88 -43.65
CA ALA D 256 7.63 12.90 -44.92
C ALA D 256 6.65 13.04 -46.07
N PHE D 257 7.11 13.71 -47.12
CA PHE D 257 6.38 13.83 -48.37
C PHE D 257 6.53 12.52 -49.16
N ASN D 258 5.88 12.45 -50.34
CA ASN D 258 5.83 11.18 -51.05
C ASN D 258 7.21 10.76 -51.55
N PRO D 259 7.91 11.54 -52.40
CA PRO D 259 9.31 11.20 -52.70
C PRO D 259 10.19 11.33 -51.47
N LYS D 260 10.09 10.36 -50.55
CA LYS D 260 10.61 10.52 -49.20
C LYS D 260 12.02 9.94 -49.07
N GLU D 261 12.91 10.73 -48.47
CA GLU D 261 14.24 10.28 -48.04
C GLU D 261 14.65 11.20 -46.90
N VAL D 262 14.96 10.62 -45.74
CA VAL D 262 15.14 11.39 -44.51
C VAL D 262 16.50 11.10 -43.93
N LEU D 263 17.22 12.15 -43.52
CA LEU D 263 18.42 12.03 -42.71
C LEU D 263 18.08 12.49 -41.30
N VAL D 264 18.11 11.58 -40.34
CA VAL D 264 17.80 11.90 -38.94
C VAL D 264 19.09 11.85 -38.14
N ARG D 265 19.43 12.97 -37.50
CA ARG D 265 20.59 13.07 -36.63
C ARG D 265 20.17 13.78 -35.35
N TRP D 266 21.02 13.71 -34.33
CA TRP D 266 20.76 14.36 -33.05
C TRP D 266 21.98 15.15 -32.60
N LEU D 267 21.73 16.15 -31.77
CA LEU D 267 22.76 16.96 -31.14
C LEU D 267 22.66 16.84 -29.62
N HIS D 268 23.83 16.74 -28.99
CA HIS D 268 24.03 16.89 -27.55
C HIS D 268 24.77 18.21 -27.37
N GLY D 269 24.05 19.25 -26.97
CA GLY D 269 24.61 20.60 -26.99
C GLY D 269 24.76 21.10 -28.41
N ASN D 270 26.00 21.34 -28.83
CA ASN D 270 26.30 21.74 -30.20
C ASN D 270 27.11 20.67 -30.95
N GLU D 271 27.23 19.47 -30.39
CA GLU D 271 28.04 18.41 -30.99
C GLU D 271 27.15 17.39 -31.67
N GLU D 272 27.58 16.94 -32.85
CA GLU D 272 26.86 15.90 -33.58
C GLU D 272 27.18 14.54 -32.98
N LEU D 273 26.14 13.74 -32.74
CA LEU D 273 26.30 12.42 -32.15
C LEU D 273 26.43 11.37 -33.24
N SER D 274 27.18 10.31 -32.93
CA SER D 274 27.42 9.26 -33.91
C SER D 274 26.12 8.52 -34.20
N PRO D 275 25.91 8.10 -35.45
CA PRO D 275 24.75 7.25 -35.75
C PRO D 275 24.68 6.02 -34.87
N GLU D 276 25.79 5.56 -34.31
CA GLU D 276 25.79 4.37 -33.45
C GLU D 276 24.95 4.57 -32.19
N SER D 277 24.60 5.82 -31.85
CA SER D 277 23.85 6.12 -30.64
C SER D 277 22.36 6.33 -30.90
N TYR D 278 21.91 6.30 -32.15
CA TYR D 278 20.52 6.55 -32.49
C TYR D 278 19.77 5.23 -32.65
N LEU D 279 18.45 5.30 -32.54
CA LEU D 279 17.60 4.21 -33.03
C LEU D 279 16.57 4.82 -33.98
N VAL D 280 16.75 4.58 -35.28
CA VAL D 280 15.98 5.23 -36.33
C VAL D 280 15.21 4.16 -37.10
N PHE D 281 13.91 4.40 -37.30
CA PHE D 281 13.03 3.48 -38.01
C PHE D 281 12.83 3.92 -39.46
N GLU D 282 12.40 2.99 -40.30
CA GLU D 282 12.12 3.26 -41.70
C GLU D 282 10.75 3.93 -41.84
N PRO D 283 10.52 4.64 -42.94
CA PRO D 283 9.23 5.31 -43.14
C PRO D 283 8.12 4.33 -43.47
N LEU D 284 6.91 4.67 -43.00
CA LEU D 284 5.71 3.91 -43.29
C LEU D 284 4.64 4.86 -43.82
N LYS D 285 3.95 4.43 -44.87
CA LYS D 285 2.93 5.27 -45.50
C LYS D 285 1.76 5.50 -44.56
N GLU D 286 1.33 6.76 -44.44
CA GLU D 286 0.26 7.13 -43.54
C GLU D 286 -1.10 6.73 -44.12
N PRO D 287 -2.08 6.47 -43.26
CA PRO D 287 -3.45 6.28 -43.74
C PRO D 287 -4.08 7.61 -44.14
N GLY D 288 -5.01 7.54 -45.09
CA GLY D 288 -5.71 8.71 -45.57
C GLY D 288 -5.89 8.65 -47.06
N GLU D 289 -6.19 9.80 -47.65
CA GLU D 289 -6.46 9.90 -49.08
C GLU D 289 -6.13 11.31 -49.55
N GLY D 290 -5.78 11.42 -50.83
CA GLY D 290 -5.47 12.69 -51.45
C GLY D 290 -3.99 12.99 -51.58
N ALA D 291 -3.15 12.32 -50.79
CA ALA D 291 -1.71 12.53 -50.85
C ALA D 291 -1.04 11.38 -50.14
N THR D 292 0.22 11.13 -50.50
CA THR D 292 1.03 10.08 -49.90
C THR D 292 2.08 10.73 -49.02
N THR D 293 2.06 10.41 -47.74
CA THR D 293 3.03 10.89 -46.77
C THR D 293 3.43 9.72 -45.87
N TYR D 294 4.60 9.83 -45.26
CA TYR D 294 5.12 8.77 -44.41
C TYR D 294 5.46 9.33 -43.03
N LEU D 295 5.57 8.44 -42.06
CA LEU D 295 6.05 8.80 -40.73
C LEU D 295 7.34 8.05 -40.45
N VAL D 296 8.32 8.74 -39.86
CA VAL D 296 9.44 8.07 -39.23
C VAL D 296 9.58 8.59 -37.80
N THR D 297 10.11 7.72 -36.95
CA THR D 297 10.43 8.08 -35.58
C THR D 297 11.85 7.66 -35.28
N SER D 298 12.50 8.43 -34.42
CA SER D 298 13.82 8.05 -33.93
C SER D 298 13.88 8.32 -32.44
N VAL D 299 14.64 7.49 -31.73
CA VAL D 299 14.78 7.62 -30.28
C VAL D 299 16.24 7.84 -29.94
N LEU D 300 16.47 8.83 -29.08
CA LEU D 300 17.76 9.09 -28.46
C LEU D 300 17.66 8.82 -26.97
N ARG D 301 18.62 8.07 -26.45
CA ARG D 301 18.71 7.78 -25.03
C ARG D 301 19.55 8.86 -24.36
N VAL D 302 19.02 9.44 -23.28
CA VAL D 302 19.62 10.60 -22.63
C VAL D 302 19.81 10.29 -21.15
N SER D 303 21.02 10.55 -20.65
CA SER D 303 21.30 10.35 -19.24
C SER D 303 20.44 11.29 -18.39
N ALA D 304 19.86 10.73 -17.33
CA ALA D 304 19.03 11.54 -16.45
C ALA D 304 19.81 12.71 -15.84
N GLU D 305 21.11 12.50 -15.60
CA GLU D 305 21.91 13.53 -14.95
C GLU D 305 22.07 14.76 -15.84
N THR D 306 22.43 14.55 -17.11
CA THR D 306 22.58 15.69 -18.01
C THR D 306 21.23 16.33 -18.34
N TRP D 307 20.15 15.54 -18.30
CA TRP D 307 18.81 16.10 -18.42
C TRP D 307 18.54 17.08 -17.28
N LYS D 308 18.77 16.64 -16.04
CA LYS D 308 18.50 17.51 -14.90
C LYS D 308 19.48 18.67 -14.82
N GLN D 309 20.68 18.53 -15.37
CA GLN D 309 21.68 19.58 -15.32
C GLN D 309 21.48 20.64 -16.38
N GLY D 310 20.61 20.42 -17.36
CA GLY D 310 20.28 21.43 -18.34
C GLY D 310 20.94 21.28 -19.68
N ASP D 311 21.54 20.13 -19.98
CA ASP D 311 22.07 19.90 -21.32
C ASP D 311 20.92 19.86 -22.33
N GLN D 312 21.11 20.51 -23.46
CA GLN D 312 20.09 20.59 -24.49
C GLN D 312 20.27 19.46 -25.48
N TYR D 313 19.15 18.89 -25.94
CA TYR D 313 19.23 17.87 -26.98
C TYR D 313 18.36 18.28 -28.14
N SER D 314 18.74 17.88 -29.35
CA SER D 314 17.96 18.33 -30.50
C SER D 314 17.95 17.28 -31.60
N CYS D 315 16.90 17.32 -32.41
CA CYS D 315 16.73 16.48 -33.58
C CYS D 315 16.94 17.36 -34.82
N MET D 316 17.98 17.03 -35.59
CA MET D 316 18.23 17.62 -36.89
C MET D 316 17.74 16.65 -37.96
N VAL D 317 17.09 17.19 -38.99
CA VAL D 317 16.56 16.35 -40.06
C VAL D 317 16.83 17.01 -41.41
N GLY D 318 17.38 16.22 -42.32
CA GLY D 318 17.62 16.63 -43.69
C GLY D 318 16.61 16.01 -44.64
N HIS D 319 16.11 16.84 -45.56
CA HIS D 319 15.03 16.50 -46.47
C HIS D 319 15.23 17.22 -47.79
N GLU D 320 14.66 16.65 -48.84
CA GLU D 320 14.91 17.14 -50.20
C GLU D 320 14.46 18.59 -50.37
N ALA D 321 13.17 18.85 -50.13
CA ALA D 321 12.58 20.14 -50.52
C ALA D 321 12.89 21.26 -49.54
N LEU D 322 13.32 20.95 -48.33
CA LEU D 322 13.51 22.01 -47.33
C LEU D 322 14.50 23.04 -47.84
N PRO D 323 14.12 24.32 -47.97
CA PRO D 323 15.03 25.31 -48.57
C PRO D 323 16.43 25.32 -47.97
N MET D 324 16.56 25.19 -46.66
CA MET D 324 17.86 25.22 -46.00
C MET D 324 18.41 23.82 -45.74
N ASN D 325 17.98 22.83 -46.53
CA ASN D 325 18.46 21.46 -46.42
C ASN D 325 18.07 20.80 -45.11
N PHE D 326 18.44 21.41 -43.97
CA PHE D 326 18.22 20.80 -42.67
C PHE D 326 17.31 21.67 -41.81
N THR D 327 16.52 21.02 -40.96
CA THR D 327 15.72 21.65 -39.93
C THR D 327 16.11 21.09 -38.58
N GLN D 328 15.69 21.78 -37.53
CA GLN D 328 16.04 21.38 -36.17
C GLN D 328 14.91 21.71 -35.22
N LYS D 329 14.64 20.78 -34.31
CA LYS D 329 13.80 21.05 -33.14
C LYS D 329 14.56 20.61 -31.90
N THR D 330 14.24 21.22 -30.76
CA THR D 330 15.03 21.01 -29.55
C THR D 330 14.13 20.60 -28.38
N ILE D 331 14.75 19.88 -27.44
CA ILE D 331 14.14 19.51 -26.17
C ILE D 331 15.07 19.98 -25.05
N ASP D 332 14.49 20.67 -24.08
CA ASP D 332 15.08 21.07 -22.81
C ASP D 332 14.37 20.33 -21.68
N ARG D 333 14.93 20.43 -20.47
CA ARG D 333 14.23 19.91 -19.31
C ARG D 333 13.04 20.79 -18.92
N LEU D 334 12.96 22.00 -19.46
CA LEU D 334 11.84 22.91 -19.20
C LEU D 334 10.91 23.04 -20.39
N SER D 335 11.09 22.22 -21.42
CA SER D 335 10.30 22.38 -22.64
C SER D 335 8.82 22.18 -22.35
N GLY D 336 7.99 22.92 -23.06
CA GLY D 336 6.56 22.93 -22.86
C GLY D 336 6.08 24.24 -22.25
N LYS D 337 4.77 24.31 -22.06
CA LYS D 337 4.16 25.50 -21.48
C LYS D 337 4.42 25.55 -19.98
N PRO D 338 5.04 26.60 -19.45
CA PRO D 338 5.20 26.68 -17.99
C PRO D 338 3.86 26.92 -17.31
N THR D 339 3.80 26.57 -16.04
CA THR D 339 2.55 26.53 -15.30
C THR D 339 2.65 27.28 -13.98
N ASN D 340 1.53 27.86 -13.57
CA ASN D 340 1.36 28.41 -12.23
C ASN D 340 0.80 27.31 -11.34
N VAL D 341 1.68 26.56 -10.68
CA VAL D 341 1.25 25.49 -9.79
C VAL D 341 0.97 26.08 -8.42
N SER D 342 -0.25 25.91 -7.94
CA SER D 342 -0.68 26.45 -6.66
C SER D 342 -0.49 25.40 -5.57
N VAL D 343 0.25 25.75 -4.53
CA VAL D 343 0.64 24.82 -3.48
C VAL D 343 0.26 25.43 -2.12
N SER D 344 -0.43 24.66 -1.30
CA SER D 344 -0.83 25.11 0.03
C SER D 344 -0.81 23.92 0.97
N VAL D 345 -0.77 24.21 2.27
CA VAL D 345 -0.74 23.19 3.32
C VAL D 345 -1.90 23.44 4.27
N ILE D 346 -2.54 22.35 4.70
CA ILE D 346 -3.67 22.40 5.62
C ILE D 346 -3.26 21.69 6.89
N MET D 347 -3.15 22.44 7.99
CA MET D 347 -2.83 21.84 9.29
C MET D 347 -4.04 21.30 10.00
N SER D 348 -5.24 21.47 9.45
CA SER D 348 -6.45 21.03 10.13
C SER D 348 -6.56 19.51 10.12
N GLU D 349 -7.50 19.00 10.91
CA GLU D 349 -7.68 17.57 11.07
C GLU D 349 -8.58 17.03 9.95
N GLY D 350 -8.95 15.75 10.05
CA GLY D 350 -9.77 15.08 9.06
C GLY D 350 -9.04 13.99 8.31
N ASP D 351 -7.71 14.05 8.25
CA ASP D 351 -6.88 13.01 7.62
C ASP D 351 -7.36 12.81 6.19
N GLY D 352 -7.66 11.59 5.76
CA GLY D 352 -8.06 11.32 4.40
C GLY D 352 -8.36 9.85 4.17
N GLU E 3 -17.92 17.02 -9.70
CA GLU E 3 -18.09 16.89 -11.14
C GLU E 3 -16.79 16.47 -11.82
N ALA E 4 -15.71 16.45 -11.05
CA ALA E 4 -14.40 16.12 -11.59
C ALA E 4 -14.25 14.62 -11.78
N THR E 5 -13.48 14.24 -12.80
CA THR E 5 -13.13 12.85 -13.03
C THR E 5 -11.98 12.46 -12.11
N ILE E 6 -12.11 11.32 -11.44
CA ILE E 6 -11.07 10.81 -10.56
C ILE E 6 -10.13 9.96 -11.41
N LEU E 7 -8.91 10.45 -11.61
CA LEU E 7 -7.90 9.69 -12.34
C LEU E 7 -7.13 8.73 -11.46
N ALA E 8 -6.98 9.04 -10.17
CA ALA E 8 -6.19 8.23 -9.27
C ALA E 8 -6.73 8.33 -7.85
N ASP E 9 -6.78 7.19 -7.17
CA ASP E 9 -7.23 7.11 -5.77
C ASP E 9 -6.39 6.02 -5.10
N ASN E 10 -5.25 6.42 -4.55
CA ASN E 10 -4.36 5.50 -3.87
C ASN E 10 -4.74 5.36 -2.41
N LYS E 11 -4.54 4.17 -1.87
CA LYS E 11 -4.87 3.87 -0.48
C LYS E 11 -3.68 3.89 0.45
N CYS E 12 -2.48 3.64 -0.08
CA CYS E 12 -1.28 3.79 0.73
C CYS E 12 -0.94 5.25 0.94
N MET E 13 -0.84 6.01 -0.16
CA MET E 13 -0.61 7.44 -0.12
C MET E 13 -1.88 8.10 -0.61
N CYS E 14 -2.82 8.36 0.30
CA CYS E 14 -4.03 9.08 -0.05
C CYS E 14 -3.53 10.16 -1.00
N THR E 15 -3.93 10.08 -2.26
CA THR E 15 -3.57 11.10 -3.24
C THR E 15 -4.63 11.11 -4.34
N ARG E 16 -5.86 11.43 -3.96
CA ARG E 16 -6.91 11.58 -4.95
C ARG E 16 -6.49 12.67 -5.95
N VAL E 17 -6.37 12.26 -7.22
CA VAL E 17 -5.99 13.18 -8.28
C VAL E 17 -7.16 13.34 -9.24
N THR E 18 -8.07 14.24 -8.92
CA THR E 18 -9.16 14.57 -9.83
C THR E 18 -8.70 15.62 -10.83
N SER E 19 -9.50 15.83 -11.86
CA SER E 19 -9.18 16.85 -12.86
C SER E 19 -10.40 17.05 -13.73
N ARG E 20 -10.54 18.25 -14.26
CA ARG E 20 -11.73 18.54 -15.06
C ARG E 20 -11.45 19.61 -16.10
N ILE E 21 -12.30 19.64 -17.13
CA ILE E 21 -12.16 20.57 -18.24
C ILE E 21 -12.78 21.89 -17.82
N ILE E 22 -11.94 22.85 -17.45
CA ILE E 22 -12.39 24.18 -17.04
C ILE E 22 -12.32 25.09 -18.27
N PRO E 23 -13.44 25.63 -18.73
CA PRO E 23 -13.38 26.53 -19.90
C PRO E 23 -12.56 27.77 -19.60
N SER E 24 -11.92 28.31 -20.65
CA SER E 24 -11.04 29.46 -20.52
C SER E 24 -11.84 30.76 -20.64
N THR E 25 -11.14 31.88 -20.51
CA THR E 25 -11.75 33.19 -20.59
C THR E 25 -11.53 33.87 -21.94
N GLU E 26 -10.84 33.20 -22.87
CA GLU E 26 -10.52 33.79 -24.17
C GLU E 26 -11.60 33.49 -25.20
N ASP E 27 -11.99 32.22 -25.32
CA ASP E 27 -12.99 31.79 -26.29
C ASP E 27 -13.81 30.67 -25.66
N PRO E 28 -14.99 30.38 -26.21
CA PRO E 28 -15.75 29.22 -25.73
C PRO E 28 -15.23 27.89 -26.26
N ASN E 29 -14.51 27.89 -27.38
CA ASN E 29 -13.95 26.65 -27.92
C ASN E 29 -12.72 26.22 -27.14
N GLU E 30 -11.76 27.14 -26.95
CA GLU E 30 -10.57 26.82 -26.18
C GLU E 30 -10.94 26.48 -24.74
N ASP E 31 -10.32 25.43 -24.21
CA ASP E 31 -10.59 24.96 -22.86
C ASP E 31 -9.28 24.58 -22.19
N ILE E 32 -9.27 24.64 -20.86
CA ILE E 32 -8.08 24.39 -20.05
C ILE E 32 -8.33 23.14 -19.23
N VAL E 33 -7.25 22.46 -18.85
CA VAL E 33 -7.31 21.30 -17.97
C VAL E 33 -6.61 21.65 -16.66
N GLU E 34 -7.21 21.23 -15.56
CA GLU E 34 -6.62 21.45 -14.24
C GLU E 34 -6.87 20.23 -13.37
N ARG E 35 -5.86 19.91 -12.56
CA ARG E 35 -5.80 18.76 -11.67
C ARG E 35 -5.93 19.22 -10.22
N ASN E 36 -6.13 18.24 -9.33
CA ASN E 36 -6.34 18.46 -7.91
C ASN E 36 -5.62 17.36 -7.13
N ILE E 37 -4.30 17.41 -7.15
CA ILE E 37 -3.47 16.46 -6.40
C ILE E 37 -3.69 16.70 -4.91
N ARG E 38 -4.54 15.89 -4.27
CA ARG E 38 -4.88 16.09 -2.87
C ARG E 38 -4.14 15.05 -2.03
N ILE E 39 -2.96 15.44 -1.53
CA ILE E 39 -2.12 14.54 -0.74
C ILE E 39 -2.51 14.64 0.73
N VAL E 40 -2.24 13.58 1.47
CA VAL E 40 -2.48 13.56 2.91
C VAL E 40 -1.25 12.95 3.60
N VAL E 41 -0.41 13.80 4.18
CA VAL E 41 0.86 13.37 4.76
C VAL E 41 0.65 12.98 6.21
N PRO E 42 1.09 11.79 6.64
CA PRO E 42 0.95 11.42 8.05
C PRO E 42 2.03 12.07 8.91
N LEU E 43 1.61 12.74 9.97
CA LEU E 43 2.54 13.32 10.93
C LEU E 43 3.05 12.29 11.93
N ASN E 44 2.29 11.21 12.17
CA ASN E 44 2.64 10.20 13.16
C ASN E 44 2.61 8.83 12.47
N ASN E 45 3.75 8.43 11.92
CA ASN E 45 3.91 7.11 11.33
C ASN E 45 5.40 6.82 11.23
N ARG E 46 5.75 5.53 11.28
CA ARG E 46 7.14 5.12 11.32
C ARG E 46 7.70 5.03 9.89
N GLU E 47 9.02 4.86 9.81
CA GLU E 47 9.69 4.73 8.51
C GLU E 47 8.90 3.78 7.61
N ASN E 48 8.48 2.70 8.25
CA ASN E 48 7.71 1.65 7.64
C ASN E 48 6.47 1.45 8.52
N ILE E 49 5.33 1.10 7.95
CA ILE E 49 4.15 0.89 8.77
C ILE E 49 3.90 -0.58 9.06
N SER E 50 4.60 -1.49 8.36
CA SER E 50 4.50 -2.91 8.64
C SER E 50 5.24 -3.31 9.91
N ASP E 51 6.24 -2.52 10.32
CA ASP E 51 7.03 -2.81 11.52
C ASP E 51 6.94 -1.62 12.47
N PRO E 52 6.50 -1.81 13.72
CA PRO E 52 6.34 -0.66 14.63
C PRO E 52 7.60 -0.26 15.39
N THR E 53 8.75 -0.86 15.11
CA THR E 53 10.01 -0.54 15.79
C THR E 53 10.95 0.24 14.88
N SER E 54 10.39 1.15 14.07
CA SER E 54 11.17 1.97 13.17
C SER E 54 10.97 3.45 13.49
N PRO E 55 11.94 4.30 13.15
CA PRO E 55 11.82 5.73 13.47
C PRO E 55 10.60 6.36 12.82
N LEU E 56 10.24 7.54 13.34
CA LEU E 56 9.14 8.31 12.79
C LEU E 56 9.49 8.82 11.39
N ARG E 57 8.46 9.11 10.60
CA ARG E 57 8.64 9.46 9.20
C ARG E 57 8.55 10.98 9.05
N ARG E 58 9.68 11.61 8.72
CA ARG E 58 9.76 13.04 8.47
C ARG E 58 10.06 13.38 7.02
N ASN E 59 10.03 12.39 6.11
CA ASN E 59 10.37 12.60 4.72
C ASN E 59 9.42 11.81 3.84
N PHE E 60 8.77 12.50 2.91
CA PHE E 60 7.79 11.89 2.02
C PHE E 60 8.02 12.37 0.60
N VAL E 61 8.02 11.43 -0.35
CA VAL E 61 8.16 11.74 -1.77
C VAL E 61 7.08 10.97 -2.52
N TYR E 62 6.42 11.63 -3.47
CA TYR E 62 5.26 11.08 -4.16
C TYR E 62 5.55 11.08 -5.66
N HIS E 63 5.95 9.92 -6.19
CA HIS E 63 6.17 9.74 -7.62
C HIS E 63 4.82 9.64 -8.31
N LEU E 64 4.51 10.63 -9.15
CA LEU E 64 3.19 10.70 -9.78
C LEU E 64 2.82 9.38 -10.44
N SER E 65 3.74 8.81 -11.21
CA SER E 65 3.50 7.49 -11.80
C SER E 65 2.99 6.52 -10.75
N ASP E 66 3.67 6.47 -9.60
CA ASP E 66 3.22 5.60 -8.51
C ASP E 66 1.89 6.06 -7.94
N VAL E 67 1.60 7.36 -7.96
CA VAL E 67 0.32 7.83 -7.47
C VAL E 67 -0.81 7.31 -8.34
N CYS E 68 -0.74 7.58 -9.65
CA CYS E 68 -1.73 7.10 -10.60
C CYS E 68 -1.27 5.77 -11.19
N LYS E 69 -1.50 4.71 -10.43
CA LYS E 69 -1.16 3.35 -10.88
C LYS E 69 -2.42 2.58 -11.24
N LYS E 70 -2.19 1.43 -11.88
CA LYS E 70 -3.27 0.53 -12.27
C LYS E 70 -2.70 -0.88 -12.29
N CYS E 71 -3.18 -1.73 -11.38
CA CYS E 71 -2.71 -3.10 -11.30
C CYS E 71 -3.88 -4.06 -11.19
N ASP E 72 -5.01 -3.70 -11.79
CA ASP E 72 -6.21 -4.53 -11.84
C ASP E 72 -6.45 -4.97 -13.28
N PRO E 73 -6.15 -6.22 -13.62
CA PRO E 73 -6.30 -6.65 -15.01
C PRO E 73 -7.70 -6.41 -15.56
N VAL E 74 -7.76 -6.08 -16.86
CA VAL E 74 -8.99 -5.72 -17.53
C VAL E 74 -9.15 -6.61 -18.77
N GLU E 75 -10.40 -6.70 -19.23
CA GLU E 75 -10.73 -7.45 -20.44
C GLU E 75 -10.71 -6.52 -21.65
N VAL E 76 -10.33 -7.08 -22.80
CA VAL E 76 -10.31 -6.31 -24.05
C VAL E 76 -10.86 -7.17 -25.16
N GLU E 77 -11.75 -6.58 -25.97
CA GLU E 77 -12.39 -7.20 -27.15
C GLU E 77 -11.43 -7.08 -28.33
N LEU E 78 -10.45 -7.97 -28.35
CA LEU E 78 -9.49 -8.03 -29.45
C LEU E 78 -10.08 -8.90 -30.54
N GLU E 79 -10.71 -8.26 -31.53
CA GLU E 79 -11.42 -8.97 -32.58
C GLU E 79 -12.37 -9.99 -31.96
N ASP E 80 -12.03 -11.28 -32.05
CA ASP E 80 -12.86 -12.30 -31.41
C ASP E 80 -12.06 -13.09 -30.37
N GLN E 81 -11.47 -12.39 -29.41
CA GLN E 81 -10.78 -13.07 -28.31
C GLN E 81 -10.59 -12.06 -27.19
N VAL E 82 -11.46 -12.15 -26.17
CA VAL E 82 -11.36 -11.26 -25.01
C VAL E 82 -10.15 -11.68 -24.19
N VAL E 83 -9.30 -10.71 -23.84
CA VAL E 83 -8.06 -11.03 -23.15
C VAL E 83 -7.86 -10.16 -21.91
N THR E 84 -7.14 -10.74 -20.94
CA THR E 84 -6.72 -10.07 -19.71
C THR E 84 -5.54 -9.14 -19.98
N ALA E 85 -5.49 -8.04 -19.23
CA ALA E 85 -4.62 -6.92 -19.59
C ALA E 85 -3.94 -6.34 -18.36
N THR E 86 -2.62 -6.52 -18.26
CA THR E 86 -1.84 -5.75 -17.31
C THR E 86 -1.89 -4.27 -17.69
N GLN E 87 -2.09 -3.40 -16.71
CA GLN E 87 -2.29 -1.98 -16.95
C GLN E 87 -1.11 -1.12 -16.53
N SER E 88 0.03 -1.71 -16.21
CA SER E 88 1.20 -0.92 -15.84
C SER E 88 2.44 -1.80 -15.93
N ASN E 89 3.60 -1.15 -15.86
CA ASN E 89 4.90 -1.81 -15.87
C ASN E 89 5.66 -1.58 -14.57
N ILE E 90 4.92 -1.38 -13.47
CA ILE E 90 5.50 -1.01 -12.18
C ILE E 90 5.20 -2.07 -11.12
N CYS E 91 3.93 -2.43 -10.97
CA CYS E 91 3.57 -3.47 -10.00
C CYS E 91 4.37 -4.73 -10.27
N ASN E 92 5.39 -4.98 -9.44
CA ASN E 92 6.28 -6.11 -9.67
C ASN E 92 6.89 -6.49 -8.32
N GLU E 93 6.22 -7.40 -7.61
CA GLU E 93 6.67 -7.83 -6.29
C GLU E 93 6.82 -9.34 -6.24
N VAL E 97 9.49 -8.18 -3.57
CA VAL E 97 9.67 -7.07 -2.64
C VAL E 97 8.45 -6.17 -2.67
N PRO E 98 7.87 -5.88 -1.50
CA PRO E 98 6.74 -4.95 -1.46
C PRO E 98 7.22 -3.51 -1.58
N GLU E 99 6.36 -2.68 -2.14
CA GLU E 99 6.67 -1.27 -2.33
C GLU E 99 6.67 -0.53 -0.99
N THR E 100 7.38 0.59 -0.95
CA THR E 100 7.37 1.44 0.25
C THR E 100 5.97 2.03 0.43
N CYS E 101 5.47 2.01 1.65
CA CYS E 101 4.12 2.45 1.93
C CYS E 101 4.10 3.43 3.10
N TYR E 102 3.35 4.52 2.95
CA TYR E 102 3.31 5.56 3.97
C TYR E 102 2.19 5.35 4.98
N MET E 103 0.94 5.29 4.51
CA MET E 103 -0.21 5.14 5.40
C MET E 103 -0.81 3.75 5.26
N TYR E 104 -1.48 3.31 6.33
CA TYR E 104 -2.15 2.02 6.34
C TYR E 104 -3.33 2.03 5.38
N ASP E 105 -3.47 0.95 4.61
CA ASP E 105 -4.66 0.73 3.80
C ASP E 105 -5.73 0.13 4.71
N ARG E 106 -6.79 0.90 5.00
CA ARG E 106 -7.81 0.43 5.93
C ARG E 106 -8.40 -0.90 5.52
N ASN E 107 -8.35 -1.25 4.23
CA ASN E 107 -8.92 -2.49 3.73
C ASN E 107 -7.90 -3.62 3.68
N LYS E 108 -6.72 -3.43 4.26
CA LYS E 108 -5.72 -4.47 4.37
C LYS E 108 -5.40 -4.71 5.84
N CYS E 109 -4.98 -5.94 6.15
CA CYS E 109 -4.71 -6.34 7.53
C CYS E 109 -3.23 -6.13 7.84
N TYR E 110 -2.94 -5.34 8.86
CA TYR E 110 -1.59 -5.07 9.31
C TYR E 110 -1.41 -5.64 10.71
N THR E 111 -0.40 -6.48 10.88
CA THR E 111 -0.21 -7.23 12.11
C THR E 111 1.26 -7.26 12.50
N THR E 112 1.51 -7.69 13.73
CA THR E 112 2.86 -7.89 14.23
C THR E 112 2.87 -9.10 15.15
N MET E 113 4.02 -9.79 15.21
CA MET E 113 4.19 -10.96 16.05
C MET E 113 4.87 -10.57 17.35
N VAL E 114 4.34 -11.05 18.47
CA VAL E 114 4.86 -10.68 19.78
C VAL E 114 5.10 -11.92 20.62
N PRO E 115 6.25 -12.04 21.30
CA PRO E 115 6.48 -13.19 22.18
C PRO E 115 5.91 -13.00 23.58
N LEU E 116 4.65 -13.36 23.79
CA LEU E 116 4.01 -13.22 25.09
C LEU E 116 4.13 -14.52 25.87
N ARG E 117 4.34 -14.42 27.18
CA ARG E 117 4.55 -15.60 28.02
C ARG E 117 3.29 -15.85 28.85
N TYR E 118 2.61 -16.95 28.54
CA TYR E 118 1.45 -17.38 29.32
C TYR E 118 1.65 -18.81 29.81
N HIS E 119 1.04 -19.10 30.95
CA HIS E 119 1.10 -20.42 31.58
C HIS E 119 2.53 -20.96 31.65
N GLY E 120 3.53 -20.08 31.63
CA GLY E 120 4.91 -20.46 31.82
C GLY E 120 5.75 -20.48 30.57
N GLU E 121 5.17 -20.37 29.37
CA GLU E 121 5.94 -20.49 28.14
C GLU E 121 5.62 -19.34 27.20
N THR E 122 6.59 -19.05 26.34
CA THR E 122 6.47 -18.02 25.33
C THR E 122 5.69 -18.54 24.12
N LYS E 123 4.78 -17.71 23.62
CA LYS E 123 3.97 -17.99 22.46
C LYS E 123 3.99 -16.77 21.55
N MET E 124 4.05 -17.02 20.25
CA MET E 124 4.06 -15.95 19.26
C MET E 124 2.63 -15.60 18.92
N VAL E 125 2.18 -14.44 19.39
CA VAL E 125 0.81 -13.99 19.21
C VAL E 125 0.79 -12.92 18.12
N GLN E 126 -0.14 -13.07 17.17
CA GLN E 126 -0.31 -12.10 16.09
C GLN E 126 -1.30 -11.04 16.53
N ALA E 127 -0.81 -9.81 16.71
CA ALA E 127 -1.60 -8.70 17.20
C ALA E 127 -1.84 -7.69 16.10
N ALA E 128 -3.02 -7.08 16.11
CA ALA E 128 -3.41 -6.13 15.09
C ALA E 128 -2.71 -4.79 15.29
N LEU E 129 -2.28 -4.19 14.19
CA LEU E 129 -1.85 -2.80 14.18
C LEU E 129 -2.97 -1.86 13.74
N THR E 130 -3.97 -2.39 13.05
CA THR E 130 -5.16 -1.64 12.62
C THR E 130 -6.37 -2.38 13.17
N PRO E 131 -6.65 -2.26 14.47
CA PRO E 131 -7.67 -3.11 15.09
C PRO E 131 -9.08 -2.85 14.60
N ASP E 132 -9.37 -1.68 14.04
CA ASP E 132 -10.70 -1.39 13.51
C ASP E 132 -10.89 -1.96 12.11
N SER E 133 -9.93 -2.71 11.60
CA SER E 133 -10.08 -3.43 10.34
C SER E 133 -9.58 -4.85 10.50
N CYS E 134 -9.39 -5.58 9.40
CA CYS E 134 -8.99 -6.99 9.45
C CYS E 134 -10.09 -7.84 10.08
N TYR E 135 -11.31 -7.63 9.62
CA TYR E 135 -12.49 -8.39 10.03
C TYR E 135 -12.94 -9.32 8.91
N PRO E 136 -13.76 -10.33 9.22
CA PRO E 136 -14.21 -11.23 8.14
C PRO E 136 -15.28 -10.60 7.26
#